data_1F4I
#
_entry.id   1F4I
#
_cell.length_a   1.000
_cell.length_b   1.000
_cell.length_c   1.000
_cell.angle_alpha   90.00
_cell.angle_beta   90.00
_cell.angle_gamma   90.00
#
_symmetry.space_group_name_H-M   'P 1'
#
_entity_poly.entity_id   1
_entity_poly.type   'polypeptide(L)'
_entity_poly.pdbx_seq_one_letter_code
;QEKEAIERLKALGFEESLVIQAYFACEKNENLAANFLLSQNFDDE
;
_entity_poly.pdbx_strand_id   A
#
# COMPACT_ATOMS: atom_id res chain seq x y z
N GLN A 1 -15.82 -0.46 -0.74
CA GLN A 1 -14.66 -0.89 0.02
C GLN A 1 -13.38 -0.79 -0.84
N GLU A 2 -12.23 -1.01 -0.16
CA GLU A 2 -10.91 -0.98 -0.81
C GLU A 2 -10.17 -2.32 -0.67
N LYS A 3 -10.85 -3.32 -0.03
CA LYS A 3 -10.26 -4.65 0.20
C LYS A 3 -9.67 -5.32 -1.06
N GLU A 4 -10.16 -4.84 -2.22
CA GLU A 4 -9.69 -5.31 -3.52
C GLU A 4 -8.22 -4.94 -3.76
N ALA A 5 -7.96 -3.66 -3.48
CA ALA A 5 -6.60 -3.18 -3.59
C ALA A 5 -5.73 -3.71 -2.45
N ILE A 6 -6.38 -4.20 -1.36
CA ILE A 6 -5.58 -4.64 -0.23
C ILE A 6 -4.69 -5.82 -0.59
N GLU A 7 -5.30 -6.83 -1.25
CA GLU A 7 -4.52 -7.99 -1.66
C GLU A 7 -3.48 -7.65 -2.75
N ARG A 8 -3.72 -6.49 -3.40
CA ARG A 8 -2.91 -6.05 -4.52
C ARG A 8 -1.61 -5.41 -4.00
N LEU A 9 -1.84 -4.44 -3.10
CA LEU A 9 -0.85 -3.71 -2.31
C LEU A 9 0.04 -4.75 -1.56
N LYS A 10 -0.64 -5.75 -0.97
CA LYS A 10 0.04 -6.84 -0.28
C LYS A 10 0.85 -7.74 -1.25
N ALA A 11 0.28 -7.90 -2.46
CA ALA A 11 0.90 -8.75 -3.49
C ALA A 11 2.23 -8.17 -4.02
N LEU A 12 2.44 -6.86 -3.77
CA LEU A 12 3.71 -6.23 -4.12
C LEU A 12 4.83 -6.58 -3.09
N GLY A 13 4.49 -7.46 -2.12
CA GLY A 13 5.47 -7.94 -1.13
C GLY A 13 5.35 -7.21 0.22
N PHE A 14 4.14 -6.67 0.48
CA PHE A 14 3.92 -5.80 1.64
C PHE A 14 3.06 -6.54 2.68
N GLU A 15 2.12 -5.81 3.31
CA GLU A 15 1.29 -6.37 4.37
C GLU A 15 0.06 -5.49 4.56
N GLU A 16 -1.10 -6.18 4.69
CA GLU A 16 -2.44 -5.61 4.77
C GLU A 16 -2.56 -4.42 5.77
N SER A 17 -1.60 -4.35 6.72
CA SER A 17 -1.54 -3.23 7.66
C SER A 17 -0.88 -1.98 7.02
N LEU A 18 0.35 -2.16 6.48
CA LEU A 18 1.02 -1.03 5.83
C LEU A 18 0.26 -0.58 4.58
N VAL A 19 -0.53 -1.52 4.07
CA VAL A 19 -1.40 -1.42 2.91
C VAL A 19 -2.58 -0.50 3.20
N ILE A 20 -3.33 -0.90 4.25
CA ILE A 20 -4.50 -0.12 4.66
C ILE A 20 -4.11 1.31 4.95
N GLN A 21 -3.06 1.45 5.80
CA GLN A 21 -2.60 2.78 6.17
C GLN A 21 -1.97 3.55 4.97
N ALA A 22 -1.54 2.76 3.95
CA ALA A 22 -1.01 3.32 2.72
C ALA A 22 -2.10 3.61 1.67
N TYR A 23 -3.32 3.13 1.94
CA TYR A 23 -4.46 3.32 1.04
C TYR A 23 -5.55 4.14 1.72
N PHE A 24 -5.32 4.50 2.99
CA PHE A 24 -6.30 5.31 3.71
C PHE A 24 -5.69 6.69 3.94
N ALA A 25 -4.39 6.67 4.26
CA ALA A 25 -3.63 7.91 4.40
C ALA A 25 -3.42 8.58 3.04
N CYS A 26 -3.42 7.71 2.00
CA CYS A 26 -3.35 8.17 0.62
C CYS A 26 -4.73 8.55 0.03
N GLU A 27 -5.76 8.57 0.91
CA GLU A 27 -7.11 8.92 0.47
C GLU A 27 -7.59 7.97 -0.67
N LYS A 28 -7.49 6.66 -0.34
CA LYS A 28 -8.04 5.55 -1.12
C LYS A 28 -7.92 5.76 -2.64
N ASN A 29 -6.63 5.93 -3.05
CA ASN A 29 -6.33 6.29 -4.43
C ASN A 29 -5.75 5.04 -5.12
N GLU A 30 -4.81 5.24 -6.09
CA GLU A 30 -4.23 4.09 -6.79
C GLU A 30 -2.72 4.25 -6.88
N ASN A 31 -2.34 5.12 -7.84
CA ASN A 31 -0.94 5.44 -8.04
C ASN A 31 -0.33 6.06 -6.76
N LEU A 32 -1.21 6.65 -5.93
CA LEU A 32 -0.76 7.31 -4.71
C LEU A 32 -0.39 6.25 -3.66
N ALA A 33 -1.29 5.26 -3.53
CA ALA A 33 -1.12 4.18 -2.57
C ALA A 33 0.13 3.37 -2.86
N ALA A 34 0.25 2.98 -4.15
CA ALA A 34 1.45 2.29 -4.60
C ALA A 34 2.70 3.12 -4.26
N ASN A 35 2.64 4.42 -4.64
CA ASN A 35 3.77 5.29 -4.36
C ASN A 35 4.11 5.35 -2.86
N PHE A 36 3.07 5.24 -2.00
CA PHE A 36 3.27 5.25 -0.55
C PHE A 36 4.12 4.04 -0.13
N LEU A 37 3.64 2.84 -0.53
CA LEU A 37 4.23 1.59 -0.06
C LEU A 37 5.63 1.36 -0.64
N LEU A 38 5.84 1.92 -1.86
CA LEU A 38 7.09 1.70 -2.58
C LEU A 38 8.13 2.74 -2.13
N SER A 39 7.58 3.89 -1.64
CA SER A 39 8.38 5.00 -1.14
C SER A 39 8.67 4.87 0.36
N GLN A 40 8.05 3.84 0.99
CA GLN A 40 8.36 3.52 2.38
C GLN A 40 9.70 2.76 2.42
N ASN A 41 10.77 3.60 2.49
CA ASN A 41 12.15 3.18 2.74
C ASN A 41 12.23 2.24 3.94
N PHE A 42 12.84 1.07 3.63
CA PHE A 42 12.94 -0.03 4.58
C PHE A 42 13.81 -1.14 3.98
N ASP A 43 15.00 -1.28 4.60
CA ASP A 43 15.95 -2.31 4.20
C ASP A 43 16.04 -3.38 5.30
N ASP A 44 17.25 -3.98 5.39
CA ASP A 44 17.59 -4.98 6.41
C ASP A 44 17.07 -4.61 7.82
N GLU A 45 17.48 -3.40 8.24
CA GLU A 45 17.02 -2.83 9.51
C GLU A 45 15.82 -1.90 9.25
N GLN A 1 -15.26 -0.62 0.74
CA GLN A 1 -14.97 -1.53 -0.35
C GLN A 1 -13.60 -1.21 -0.93
N GLU A 2 -12.57 -1.65 -0.17
CA GLU A 2 -11.21 -1.43 -0.63
C GLU A 2 -10.33 -2.67 -0.51
N LYS A 3 -10.94 -3.77 -0.01
CA LYS A 3 -10.31 -5.07 0.15
C LYS A 3 -9.66 -5.62 -1.14
N GLU A 4 -10.11 -5.09 -2.29
CA GLU A 4 -9.57 -5.49 -3.58
C GLU A 4 -8.12 -5.02 -3.73
N ALA A 5 -7.92 -3.73 -3.36
CA ALA A 5 -6.56 -3.22 -3.42
C ALA A 5 -5.71 -3.85 -2.32
N ILE A 6 -6.32 -4.45 -1.29
CA ILE A 6 -5.52 -4.92 -0.15
C ILE A 6 -4.69 -6.16 -0.52
N GLU A 7 -5.27 -6.99 -1.41
CA GLU A 7 -4.53 -8.15 -1.89
C GLU A 7 -3.51 -7.74 -2.96
N ARG A 8 -3.73 -6.53 -3.53
CA ARG A 8 -2.88 -6.03 -4.60
C ARG A 8 -1.61 -5.40 -4.03
N LEU A 9 -1.87 -4.45 -3.12
CA LEU A 9 -0.92 -3.74 -2.28
C LEU A 9 -0.05 -4.77 -1.53
N LYS A 10 -0.72 -5.76 -0.90
CA LYS A 10 0.04 -6.84 -0.26
C LYS A 10 0.83 -7.70 -1.28
N ALA A 11 0.25 -7.85 -2.49
CA ALA A 11 0.88 -8.70 -3.50
C ALA A 11 2.23 -8.15 -4.00
N LEU A 12 2.44 -6.83 -3.76
CA LEU A 12 3.72 -6.21 -4.10
C LEU A 12 4.82 -6.54 -3.05
N GLY A 13 4.49 -7.42 -2.08
CA GLY A 13 5.43 -7.89 -1.07
C GLY A 13 5.33 -7.11 0.26
N PHE A 14 4.09 -6.60 0.50
CA PHE A 14 3.82 -5.71 1.64
C PHE A 14 2.98 -6.49 2.67
N GLU A 15 2.06 -5.75 3.33
CA GLU A 15 1.24 -6.31 4.41
C GLU A 15 0.04 -5.40 4.65
N GLU A 16 -1.09 -6.06 4.92
CA GLU A 16 -2.44 -5.49 5.08
C GLU A 16 -2.50 -4.22 5.97
N SER A 17 -1.51 -4.09 6.88
CA SER A 17 -1.45 -2.93 7.76
C SER A 17 -0.77 -1.73 7.08
N LEU A 18 0.44 -2.00 6.50
CA LEU A 18 1.13 -0.91 5.78
C LEU A 18 0.32 -0.51 4.54
N VAL A 19 -0.54 -1.45 4.12
CA VAL A 19 -1.41 -1.39 2.96
C VAL A 19 -2.60 -0.47 3.21
N ILE A 20 -3.37 -0.84 4.25
CA ILE A 20 -4.57 -0.10 4.61
C ILE A 20 -4.23 1.33 4.95
N GLN A 21 -3.18 1.47 5.78
CA GLN A 21 -2.73 2.79 6.20
C GLN A 21 -2.11 3.58 5.03
N ALA A 22 -1.53 2.82 4.06
CA ALA A 22 -0.99 3.43 2.84
C ALA A 22 -2.07 3.77 1.82
N TYR A 23 -3.26 3.18 2.01
CA TYR A 23 -4.35 3.39 1.09
C TYR A 23 -5.31 4.42 1.69
N PHE A 24 -5.32 4.53 3.02
CA PHE A 24 -6.27 5.40 3.72
C PHE A 24 -5.65 6.79 3.90
N ALA A 25 -4.32 6.78 4.18
CA ALA A 25 -3.56 8.02 4.32
C ALA A 25 -3.38 8.69 2.95
N CYS A 26 -3.44 7.83 1.90
CA CYS A 26 -3.43 8.31 0.52
C CYS A 26 -4.83 8.71 0.02
N GLU A 27 -5.82 8.76 0.94
CA GLU A 27 -7.19 9.10 0.50
C GLU A 27 -7.68 8.14 -0.61
N LYS A 28 -7.65 6.84 -0.22
CA LYS A 28 -8.16 5.72 -0.99
C LYS A 28 -7.99 5.86 -2.52
N ASN A 29 -6.71 6.03 -2.94
CA ASN A 29 -6.39 6.40 -4.32
C ASN A 29 -5.86 5.14 -5.05
N GLU A 30 -4.88 5.31 -5.95
CA GLU A 30 -4.32 4.13 -6.64
C GLU A 30 -2.80 4.27 -6.79
N ASN A 31 -2.44 5.14 -7.75
CA ASN A 31 -1.03 5.46 -8.00
C ASN A 31 -0.37 6.07 -6.76
N LEU A 32 -1.23 6.66 -5.89
CA LEU A 32 -0.73 7.34 -4.71
C LEU A 32 -0.34 6.29 -3.64
N ALA A 33 -1.27 5.32 -3.48
CA ALA A 33 -1.06 4.25 -2.50
C ALA A 33 0.17 3.42 -2.82
N ALA A 34 0.26 3.04 -4.12
CA ALA A 34 1.47 2.34 -4.59
C ALA A 34 2.70 3.19 -4.28
N ASN A 35 2.63 4.50 -4.63
CA ASN A 35 3.77 5.36 -4.37
C ASN A 35 4.14 5.41 -2.87
N PHE A 36 3.10 5.30 -2.00
CA PHE A 36 3.32 5.31 -0.55
C PHE A 36 4.16 4.09 -0.13
N LEU A 37 3.66 2.91 -0.57
CA LEU A 37 4.19 1.63 -0.12
C LEU A 37 5.61 1.35 -0.67
N LEU A 38 5.84 1.90 -1.89
CA LEU A 38 7.09 1.67 -2.62
C LEU A 38 8.15 2.70 -2.18
N SER A 39 7.61 3.86 -1.72
CA SER A 39 8.43 4.95 -1.22
C SER A 39 8.91 4.70 0.22
N GLN A 40 8.25 3.73 0.89
CA GLN A 40 8.64 3.40 2.26
C GLN A 40 10.12 2.97 2.33
N ASN A 41 10.90 3.98 2.79
CA ASN A 41 12.34 3.86 2.86
C ASN A 41 12.69 2.76 3.88
N PHE A 42 13.64 1.92 3.44
CA PHE A 42 14.00 0.73 4.19
C PHE A 42 15.20 0.09 3.50
N ASP A 43 16.26 -0.06 4.32
CA ASP A 43 17.50 -0.67 3.85
C ASP A 43 17.50 -2.15 4.23
N ASP A 44 17.39 -2.37 5.56
CA ASP A 44 17.37 -3.69 6.20
C ASP A 44 17.39 -3.48 7.73
N GLU A 45 18.63 -3.42 8.27
CA GLU A 45 18.85 -3.32 9.72
C GLU A 45 20.30 -2.90 10.01
N GLN A 1 -15.05 -4.01 -0.64
CA GLN A 1 -14.87 -2.56 -0.71
C GLN A 1 -13.47 -2.23 -1.24
N GLU A 2 -12.56 -2.04 -0.27
CA GLU A 2 -11.18 -1.68 -0.58
C GLU A 2 -10.28 -2.92 -0.61
N LYS A 3 -10.80 -4.04 -0.03
CA LYS A 3 -10.10 -5.32 0.06
C LYS A 3 -9.45 -5.81 -1.26
N GLU A 4 -10.01 -5.26 -2.36
CA GLU A 4 -9.57 -5.59 -3.70
C GLU A 4 -8.13 -5.13 -3.93
N ALA A 5 -7.92 -3.86 -3.55
CA ALA A 5 -6.59 -3.29 -3.61
C ALA A 5 -5.72 -3.81 -2.46
N ILE A 6 -6.34 -4.39 -1.40
CA ILE A 6 -5.52 -4.84 -0.27
C ILE A 6 -4.69 -6.08 -0.65
N GLU A 7 -5.33 -7.01 -1.38
CA GLU A 7 -4.57 -8.18 -1.81
C GLU A 7 -3.53 -7.83 -2.89
N ARG A 8 -3.73 -6.64 -3.51
CA ARG A 8 -2.87 -6.18 -4.60
C ARG A 8 -1.61 -5.53 -4.02
N LEU A 9 -1.88 -4.52 -3.17
CA LEU A 9 -0.91 -3.78 -2.38
C LEU A 9 0.02 -4.79 -1.63
N LYS A 10 -0.64 -5.76 -0.95
CA LYS A 10 0.11 -6.81 -0.23
C LYS A 10 0.94 -7.71 -1.18
N ALA A 11 0.35 -7.95 -2.37
CA ALA A 11 0.99 -8.82 -3.37
C ALA A 11 2.30 -8.22 -3.93
N LEU A 12 2.44 -6.88 -3.77
CA LEU A 12 3.67 -6.22 -4.18
C LEU A 12 4.82 -6.45 -3.15
N GLY A 13 4.55 -7.28 -2.11
CA GLY A 13 5.55 -7.66 -1.12
C GLY A 13 5.40 -6.88 0.20
N PHE A 14 4.15 -6.39 0.41
CA PHE A 14 3.83 -5.52 1.54
C PHE A 14 3.00 -6.32 2.57
N GLU A 15 2.07 -5.60 3.24
CA GLU A 15 1.26 -6.23 4.29
C GLU A 15 0.06 -5.32 4.57
N GLU A 16 -1.08 -6.01 4.81
CA GLU A 16 -2.41 -5.42 4.97
C GLU A 16 -2.45 -4.17 5.90
N SER A 17 -1.47 -4.08 6.82
CA SER A 17 -1.41 -2.96 7.73
C SER A 17 -0.79 -1.74 7.06
N LEU A 18 0.42 -1.96 6.47
CA LEU A 18 1.09 -0.86 5.77
C LEU A 18 0.34 -0.48 4.49
N VAL A 19 -0.55 -1.41 4.09
CA VAL A 19 -1.39 -1.33 2.91
C VAL A 19 -2.59 -0.42 3.18
N ILE A 20 -3.34 -0.83 4.22
CA ILE A 20 -4.56 -0.11 4.63
C ILE A 20 -4.24 1.34 4.97
N GLN A 21 -3.20 1.50 5.82
CA GLN A 21 -2.79 2.84 6.24
C GLN A 21 -2.17 3.63 5.06
N ALA A 22 -1.56 2.88 4.12
CA ALA A 22 -0.99 3.51 2.92
C ALA A 22 -2.06 3.88 1.89
N TYR A 23 -3.24 3.25 2.03
CA TYR A 23 -4.33 3.48 1.09
C TYR A 23 -5.31 4.49 1.68
N PHE A 24 -5.35 4.55 3.03
CA PHE A 24 -6.30 5.41 3.74
C PHE A 24 -5.69 6.81 3.93
N ALA A 25 -4.37 6.79 4.24
CA ALA A 25 -3.61 8.03 4.39
C ALA A 25 -3.45 8.73 3.02
N CYS A 26 -3.50 7.88 1.97
CA CYS A 26 -3.45 8.37 0.59
C CYS A 26 -4.82 8.82 0.07
N GLU A 27 -5.84 8.80 0.95
CA GLU A 27 -7.21 9.12 0.54
C GLU A 27 -7.68 8.18 -0.61
N LYS A 28 -7.69 6.89 -0.22
CA LYS A 28 -8.18 5.73 -0.98
C LYS A 28 -8.03 5.91 -2.50
N ASN A 29 -6.75 6.09 -2.91
CA ASN A 29 -6.45 6.45 -4.30
C ASN A 29 -5.89 5.20 -5.01
N GLU A 30 -4.90 5.41 -5.91
CA GLU A 30 -4.30 4.26 -6.60
C GLU A 30 -2.79 4.44 -6.73
N ASN A 31 -2.44 5.33 -7.68
CA ASN A 31 -1.04 5.67 -7.94
C ASN A 31 -0.37 6.25 -6.69
N LEU A 32 -1.23 6.79 -5.80
CA LEU A 32 -0.72 7.41 -4.58
C LEU A 32 -0.35 6.33 -3.56
N ALA A 33 -1.30 5.38 -3.39
CA ALA A 33 -1.11 4.32 -2.42
C ALA A 33 0.11 3.46 -2.76
N ALA A 34 0.20 3.13 -4.07
CA ALA A 34 1.38 2.43 -4.56
C ALA A 34 2.64 3.24 -4.24
N ASN A 35 2.58 4.56 -4.57
CA ASN A 35 3.75 5.39 -4.29
C ASN A 35 4.16 5.34 -2.80
N PHE A 36 3.14 5.27 -1.91
CA PHE A 36 3.41 5.20 -0.46
C PHE A 36 4.25 3.95 -0.12
N LEU A 37 3.71 2.78 -0.57
CA LEU A 37 4.26 1.51 -0.16
C LEU A 37 5.64 1.23 -0.79
N LEU A 38 5.80 1.82 -2.01
CA LEU A 38 7.03 1.63 -2.80
C LEU A 38 8.12 2.64 -2.35
N SER A 39 7.62 3.77 -1.80
CA SER A 39 8.47 4.83 -1.27
C SER A 39 9.09 4.43 0.08
N GLN A 40 8.41 3.46 0.74
CA GLN A 40 8.94 2.91 1.99
C GLN A 40 9.96 1.80 1.68
N ASN A 41 11.17 2.29 1.29
CA ASN A 41 12.38 1.47 1.13
C ASN A 41 12.59 0.52 2.31
N PHE A 42 12.75 -0.76 1.91
CA PHE A 42 12.86 -1.87 2.85
C PHE A 42 12.97 -3.18 2.05
N ASP A 43 14.22 -3.46 1.61
CA ASP A 43 14.56 -4.70 0.91
C ASP A 43 16.04 -4.64 0.51
N ASP A 44 16.27 -3.93 -0.62
CA ASP A 44 17.59 -3.84 -1.22
C ASP A 44 17.53 -2.81 -2.35
N GLU A 45 18.11 -1.64 -2.04
CA GLU A 45 18.20 -0.56 -3.01
C GLU A 45 19.45 0.29 -2.69
N GLN A 1 -14.88 -2.86 0.53
CA GLN A 1 -14.94 -2.14 -0.74
C GLN A 1 -13.53 -1.93 -1.35
N GLU A 2 -12.56 -1.84 -0.42
CA GLU A 2 -11.18 -1.52 -0.79
C GLU A 2 -10.28 -2.76 -0.67
N LYS A 3 -10.89 -3.85 -0.12
CA LYS A 3 -10.23 -5.14 0.05
C LYS A 3 -9.61 -5.71 -1.22
N GLU A 4 -10.08 -5.19 -2.37
CA GLU A 4 -9.53 -5.57 -3.66
C GLU A 4 -8.08 -5.11 -3.84
N ALA A 5 -7.86 -3.85 -3.43
CA ALA A 5 -6.52 -3.33 -3.47
C ALA A 5 -5.67 -3.89 -2.31
N ILE A 6 -6.31 -4.49 -1.29
CA ILE A 6 -5.51 -4.95 -0.14
C ILE A 6 -4.71 -6.22 -0.48
N GLU A 7 -5.25 -7.00 -1.42
CA GLU A 7 -4.52 -8.19 -1.89
C GLU A 7 -3.50 -7.81 -2.97
N ARG A 8 -3.69 -6.60 -3.53
CA ARG A 8 -2.85 -6.11 -4.63
C ARG A 8 -1.60 -5.46 -4.06
N LEU A 9 -1.87 -4.47 -3.18
CA LEU A 9 -0.91 -3.74 -2.36
C LEU A 9 -0.03 -4.77 -1.60
N LYS A 10 -0.72 -5.73 -0.94
CA LYS A 10 0.00 -6.84 -0.29
C LYS A 10 0.85 -7.67 -1.27
N ALA A 11 0.28 -7.89 -2.49
CA ALA A 11 0.93 -8.75 -3.47
C ALA A 11 2.27 -8.18 -3.99
N LEU A 12 2.45 -6.86 -3.79
CA LEU A 12 3.71 -6.22 -4.15
C LEU A 12 4.84 -6.52 -3.11
N GLY A 13 4.51 -7.36 -2.10
CA GLY A 13 5.47 -7.79 -1.09
C GLY A 13 5.32 -7.03 0.24
N PHE A 14 4.08 -6.50 0.44
CA PHE A 14 3.78 -5.63 1.57
C PHE A 14 2.94 -6.42 2.59
N GLU A 15 2.00 -5.70 3.25
CA GLU A 15 1.18 -6.30 4.30
C GLU A 15 -0.03 -5.40 4.52
N GLU A 16 -1.19 -6.06 4.72
CA GLU A 16 -2.52 -5.45 4.83
C GLU A 16 -2.58 -4.23 5.79
N SER A 17 -1.61 -4.16 6.73
CA SER A 17 -1.57 -3.05 7.67
C SER A 17 -0.89 -1.83 7.02
N LEU A 18 0.33 -2.06 6.47
CA LEU A 18 1.02 -0.94 5.80
C LEU A 18 0.27 -0.51 4.54
N VAL A 19 -0.57 -1.43 4.07
CA VAL A 19 -1.42 -1.33 2.89
C VAL A 19 -2.62 -0.41 3.17
N ILE A 20 -3.40 -0.85 4.19
CA ILE A 20 -4.61 -0.13 4.58
C ILE A 20 -4.30 1.32 4.96
N GLN A 21 -3.24 1.46 5.79
CA GLN A 21 -2.84 2.79 6.24
C GLN A 21 -2.19 3.60 5.09
N ALA A 22 -1.59 2.86 4.13
CA ALA A 22 -1.01 3.48 2.94
C ALA A 22 -2.07 3.87 1.93
N TYR A 23 -3.26 3.25 2.06
CA TYR A 23 -4.35 3.48 1.13
C TYR A 23 -5.30 4.53 1.71
N PHE A 24 -5.36 4.58 3.06
CA PHE A 24 -6.29 5.48 3.74
C PHE A 24 -5.64 6.85 3.93
N ALA A 25 -4.32 6.81 4.24
CA ALA A 25 -3.54 8.03 4.38
C ALA A 25 -3.37 8.73 3.03
N CYS A 26 -3.45 7.89 1.97
CA CYS A 26 -3.42 8.37 0.59
C CYS A 26 -4.82 8.76 0.08
N GLU A 27 -5.83 8.83 0.99
CA GLU A 27 -7.18 9.16 0.55
C GLU A 27 -7.68 8.19 -0.56
N LYS A 28 -7.66 6.91 -0.16
CA LYS A 28 -8.14 5.76 -0.93
C LYS A 28 -7.98 5.94 -2.47
N ASN A 29 -6.69 6.10 -2.89
CA ASN A 29 -6.38 6.44 -4.28
C ASN A 29 -5.82 5.20 -4.98
N GLU A 30 -4.89 5.38 -5.95
CA GLU A 30 -4.30 4.24 -6.65
C GLU A 30 -2.78 4.39 -6.76
N ASN A 31 -2.41 5.28 -7.70
CA ASN A 31 -1.01 5.58 -7.94
C ASN A 31 -0.36 6.19 -6.70
N LEU A 32 -1.22 6.74 -5.80
CA LEU A 32 -0.72 7.39 -4.60
C LEU A 32 -0.33 6.33 -3.55
N ALA A 33 -1.27 5.36 -3.39
CA ALA A 33 -1.07 4.27 -2.44
C ALA A 33 0.17 3.43 -2.80
N ALA A 34 0.26 3.09 -4.09
CA ALA A 34 1.45 2.42 -4.58
C ALA A 34 2.71 3.26 -4.28
N ASN A 35 2.63 4.55 -4.61
CA ASN A 35 3.78 5.42 -4.33
C ASN A 35 4.19 5.41 -2.84
N PHE A 36 3.17 5.28 -1.96
CA PHE A 36 3.40 5.27 -0.51
C PHE A 36 4.21 4.01 -0.10
N LEU A 37 3.72 2.84 -0.58
CA LEU A 37 4.25 1.56 -0.14
C LEU A 37 5.64 1.29 -0.76
N LEU A 38 5.84 1.86 -1.98
CA LEU A 38 7.06 1.63 -2.73
C LEU A 38 8.16 2.63 -2.30
N SER A 39 7.68 3.79 -1.79
CA SER A 39 8.52 4.86 -1.24
C SER A 39 9.21 4.40 0.04
N GLN A 40 8.46 3.57 0.80
CA GLN A 40 9.02 3.02 2.03
C GLN A 40 9.68 1.67 1.72
N ASN A 41 11.03 1.79 1.62
CA ASN A 41 11.92 0.66 1.38
C ASN A 41 11.65 -0.46 2.41
N PHE A 42 11.54 -1.69 1.87
CA PHE A 42 11.23 -2.87 2.68
C PHE A 42 11.27 -4.13 1.78
N ASP A 43 12.39 -4.27 1.04
CA ASP A 43 12.58 -5.46 0.21
C ASP A 43 14.01 -5.45 -0.33
N ASP A 44 14.21 -4.55 -1.33
CA ASP A 44 15.48 -4.47 -2.04
C ASP A 44 15.75 -2.98 -2.34
N GLU A 45 14.97 -2.46 -3.31
CA GLU A 45 15.15 -1.09 -3.77
C GLU A 45 14.33 -0.08 -2.92
N GLN A 1 -15.23 -1.07 0.50
CA GLN A 1 -14.43 -1.83 1.45
C GLN A 1 -12.93 -1.58 1.22
N GLU A 2 -12.61 -1.73 -0.09
CA GLU A 2 -11.30 -1.50 -0.68
C GLU A 2 -10.39 -2.75 -0.60
N LYS A 3 -10.97 -3.87 -0.12
CA LYS A 3 -10.26 -5.14 0.07
C LYS A 3 -9.62 -5.70 -1.21
N GLU A 4 -10.11 -5.20 -2.36
CA GLU A 4 -9.59 -5.56 -3.67
C GLU A 4 -8.16 -5.05 -3.87
N ALA A 5 -7.97 -3.78 -3.45
CA ALA A 5 -6.63 -3.24 -3.52
C ALA A 5 -5.75 -3.83 -2.43
N ILE A 6 -6.34 -4.42 -1.36
CA ILE A 6 -5.51 -4.87 -0.25
C ILE A 6 -4.67 -6.09 -0.64
N GLU A 7 -5.30 -7.03 -1.37
CA GLU A 7 -4.55 -8.18 -1.87
C GLU A 7 -3.53 -7.80 -2.95
N ARG A 8 -3.73 -6.61 -3.55
CA ARG A 8 -2.86 -6.11 -4.60
C ARG A 8 -1.61 -5.48 -4.00
N LEU A 9 -1.88 -4.46 -3.15
CA LEU A 9 -0.95 -3.72 -2.31
C LEU A 9 -0.04 -4.73 -1.55
N LYS A 10 -0.67 -5.73 -0.91
CA LYS A 10 0.06 -6.79 -0.20
C LYS A 10 0.90 -7.67 -1.15
N ALA A 11 0.33 -7.90 -2.36
CA ALA A 11 0.97 -8.75 -3.35
C ALA A 11 2.28 -8.16 -3.89
N LEU A 12 2.44 -6.82 -3.72
CA LEU A 12 3.68 -6.16 -4.11
C LEU A 12 4.82 -6.43 -3.08
N GLY A 13 4.53 -7.27 -2.05
CA GLY A 13 5.53 -7.69 -1.06
C GLY A 13 5.38 -6.95 0.28
N PHE A 14 4.14 -6.45 0.51
CA PHE A 14 3.84 -5.59 1.65
C PHE A 14 2.99 -6.41 2.66
N GLU A 15 2.08 -5.70 3.35
CA GLU A 15 1.27 -6.29 4.40
C GLU A 15 0.04 -5.40 4.61
N GLU A 16 -1.10 -6.06 4.85
CA GLU A 16 -2.43 -5.46 5.00
C GLU A 16 -2.46 -4.19 5.90
N SER A 17 -1.51 -4.11 6.85
CA SER A 17 -1.48 -2.97 7.76
C SER A 17 -0.84 -1.75 7.09
N LEU A 18 0.37 -1.97 6.50
CA LEU A 18 1.04 -0.86 5.81
C LEU A 18 0.27 -0.46 4.55
N VAL A 19 -0.55 -1.41 4.09
CA VAL A 19 -1.37 -1.36 2.89
C VAL A 19 -2.60 -0.48 3.13
N ILE A 20 -3.35 -0.86 4.18
CA ILE A 20 -4.57 -0.17 4.56
C ILE A 20 -4.27 1.27 4.95
N GLN A 21 -3.18 1.41 5.72
CA GLN A 21 -2.77 2.73 6.19
C GLN A 21 -2.13 3.55 5.06
N ALA A 22 -1.56 2.82 4.07
CA ALA A 22 -1.00 3.45 2.87
C ALA A 22 -2.08 3.84 1.87
N TYR A 23 -3.28 3.22 2.03
CA TYR A 23 -4.38 3.51 1.12
C TYR A 23 -5.24 4.63 1.73
N PHE A 24 -5.42 4.54 3.07
CA PHE A 24 -6.30 5.44 3.83
C PHE A 24 -5.60 6.81 4.01
N ALA A 25 -4.28 6.74 4.27
CA ALA A 25 -3.49 7.96 4.41
C ALA A 25 -3.34 8.66 3.04
N CYS A 26 -3.44 7.83 1.99
CA CYS A 26 -3.42 8.32 0.60
C CYS A 26 -4.80 8.81 0.13
N GLU A 27 -5.80 8.82 1.04
CA GLU A 27 -7.18 9.19 0.68
C GLU A 27 -7.71 8.23 -0.42
N LYS A 28 -7.78 6.94 -0.03
CA LYS A 28 -8.30 5.84 -0.84
C LYS A 28 -8.13 6.06 -2.36
N ASN A 29 -6.84 6.14 -2.75
CA ASN A 29 -6.48 6.45 -4.14
C ASN A 29 -5.90 5.17 -4.75
N GLU A 30 -4.94 5.30 -5.71
CA GLU A 30 -4.41 4.10 -6.38
C GLU A 30 -2.91 4.26 -6.64
N ASN A 31 -2.61 5.16 -7.60
CA ASN A 31 -1.23 5.50 -7.94
C ASN A 31 -0.51 6.13 -6.74
N LEU A 32 -1.33 6.69 -5.82
CA LEU A 32 -0.77 7.35 -4.64
C LEU A 32 -0.36 6.28 -3.60
N ALA A 33 -1.28 5.31 -3.45
CA ALA A 33 -1.09 4.22 -2.50
C ALA A 33 0.15 3.40 -2.84
N ALA A 34 0.24 3.04 -4.13
CA ALA A 34 1.42 2.34 -4.61
C ALA A 34 2.68 3.16 -4.31
N ASN A 35 2.62 4.47 -4.68
CA ASN A 35 3.75 5.34 -4.40
C ASN A 35 4.14 5.33 -2.90
N PHE A 36 3.11 5.31 -2.02
CA PHE A 36 3.34 5.28 -0.57
C PHE A 36 4.18 4.05 -0.18
N LEU A 37 3.65 2.86 -0.57
CA LEU A 37 4.19 1.59 -0.13
C LEU A 37 5.59 1.31 -0.72
N LEU A 38 5.81 1.88 -1.93
CA LEU A 38 7.06 1.67 -2.66
C LEU A 38 8.11 2.73 -2.22
N SER A 39 7.55 3.87 -1.74
CA SER A 39 8.35 4.98 -1.25
C SER A 39 8.81 4.76 0.20
N GLN A 40 8.16 3.80 0.91
CA GLN A 40 8.60 3.53 2.27
C GLN A 40 10.09 3.10 2.31
N ASN A 41 10.85 4.00 2.97
CA ASN A 41 12.28 3.87 3.14
C ASN A 41 12.59 2.66 4.03
N PHE A 42 13.36 1.74 3.41
CA PHE A 42 13.66 0.45 3.99
C PHE A 42 15.00 -0.01 3.42
N ASP A 43 16.00 0.04 4.33
CA ASP A 43 17.35 -0.46 4.09
C ASP A 43 17.91 0.21 2.82
N ASP A 44 18.78 -0.55 2.10
CA ASP A 44 19.28 -0.20 0.76
C ASP A 44 19.44 1.30 0.57
N GLU A 45 20.31 1.86 1.45
CA GLU A 45 20.53 3.30 1.55
C GLU A 45 19.37 3.93 2.34
N GLN A 1 -15.56 -1.31 -0.59
CA GLN A 1 -14.89 -2.41 -1.27
C GLN A 1 -13.43 -2.06 -1.58
N GLU A 2 -12.73 -1.71 -0.48
CA GLU A 2 -11.33 -1.32 -0.60
C GLU A 2 -10.38 -2.50 -0.41
N LYS A 3 -10.96 -3.64 0.05
CA LYS A 3 -10.24 -4.89 0.29
C LYS A 3 -9.60 -5.47 -1.00
N GLU A 4 -10.11 -4.97 -2.14
CA GLU A 4 -9.61 -5.35 -3.46
C GLU A 4 -8.17 -4.89 -3.67
N ALA A 5 -7.94 -3.63 -3.26
CA ALA A 5 -6.59 -3.12 -3.35
C ALA A 5 -5.70 -3.74 -2.28
N ILE A 6 -6.30 -4.37 -1.25
CA ILE A 6 -5.49 -4.78 -0.10
C ILE A 6 -4.60 -5.98 -0.44
N GLU A 7 -5.20 -6.94 -1.17
CA GLU A 7 -4.44 -8.09 -1.65
C GLU A 7 -3.50 -7.71 -2.80
N ARG A 8 -3.79 -6.53 -3.39
CA ARG A 8 -3.01 -6.03 -4.51
C ARG A 8 -1.71 -5.40 -4.02
N LEU A 9 -1.91 -4.44 -3.09
CA LEU A 9 -0.89 -3.70 -2.37
C LEU A 9 0.02 -4.71 -1.64
N LYS A 10 -0.63 -5.71 -0.98
CA LYS A 10 0.10 -6.81 -0.34
C LYS A 10 0.92 -7.64 -1.35
N ALA A 11 0.32 -7.83 -2.55
CA ALA A 11 0.92 -8.70 -3.57
C ALA A 11 2.24 -8.14 -4.12
N LEU A 12 2.43 -6.81 -3.93
CA LEU A 12 3.68 -6.17 -4.31
C LEU A 12 4.83 -6.47 -3.32
N GLY A 13 4.53 -7.32 -2.29
CA GLY A 13 5.54 -7.76 -1.31
C GLY A 13 5.42 -7.04 0.04
N PHE A 14 4.19 -6.51 0.30
CA PHE A 14 3.93 -5.65 1.46
C PHE A 14 3.09 -6.44 2.49
N GLU A 15 2.22 -5.70 3.21
CA GLU A 15 1.40 -6.29 4.27
C GLU A 15 0.16 -5.40 4.46
N GLU A 16 -0.99 -6.08 4.58
CA GLU A 16 -2.32 -5.49 4.69
C GLU A 16 -2.43 -4.32 5.70
N SER A 17 -1.48 -4.24 6.65
CA SER A 17 -1.44 -3.14 7.60
C SER A 17 -0.82 -1.89 6.97
N LEU A 18 0.41 -2.07 6.41
CA LEU A 18 1.07 -0.93 5.77
C LEU A 18 0.30 -0.48 4.52
N VAL A 19 -0.48 -1.43 4.01
CA VAL A 19 -1.35 -1.35 2.85
C VAL A 19 -2.57 -0.48 3.15
N ILE A 20 -3.30 -0.92 4.21
CA ILE A 20 -4.53 -0.24 4.61
C ILE A 20 -4.23 1.22 4.92
N GLN A 21 -3.18 1.42 5.73
CA GLN A 21 -2.76 2.77 6.11
C GLN A 21 -2.12 3.52 4.93
N ALA A 22 -1.58 2.76 3.95
CA ALA A 22 -1.04 3.37 2.72
C ALA A 22 -2.13 3.69 1.70
N TYR A 23 -3.34 3.15 1.96
CA TYR A 23 -4.47 3.34 1.07
C TYR A 23 -5.48 4.31 1.68
N PHE A 24 -5.46 4.39 3.03
CA PHE A 24 -6.37 5.24 3.79
C PHE A 24 -5.76 6.64 3.94
N ALA A 25 -4.44 6.63 4.24
CA ALA A 25 -3.69 7.88 4.39
C ALA A 25 -3.51 8.58 3.04
N CYS A 26 -3.53 7.75 1.98
CA CYS A 26 -3.46 8.24 0.61
C CYS A 26 -4.82 8.73 0.09
N GLU A 27 -5.86 8.69 0.97
CA GLU A 27 -7.22 9.05 0.56
C GLU A 27 -7.69 8.15 -0.60
N LYS A 28 -7.74 6.84 -0.28
CA LYS A 28 -8.24 5.76 -1.14
C LYS A 28 -7.99 6.02 -2.65
N ASN A 29 -6.68 6.14 -2.95
CA ASN A 29 -6.27 6.51 -4.30
C ASN A 29 -5.72 5.25 -4.99
N GLU A 30 -4.75 5.43 -5.91
CA GLU A 30 -4.19 4.28 -6.62
C GLU A 30 -2.70 4.46 -6.80
N ASN A 31 -2.38 5.39 -7.72
CA ASN A 31 -0.99 5.71 -8.01
C ASN A 31 -0.29 6.29 -6.77
N LEU A 32 -1.13 6.82 -5.86
CA LEU A 32 -0.60 7.44 -4.64
C LEU A 32 -0.25 6.36 -3.61
N ALA A 33 -1.20 5.41 -3.52
CA ALA A 33 -1.07 4.30 -2.61
C ALA A 33 0.17 3.45 -2.90
N ALA A 34 0.31 3.12 -4.21
CA ALA A 34 1.53 2.42 -4.64
C ALA A 34 2.76 3.25 -4.29
N ASN A 35 2.72 4.55 -4.64
CA ASN A 35 3.86 5.40 -4.32
C ASN A 35 4.21 5.41 -2.82
N PHE A 36 3.15 5.29 -1.99
CA PHE A 36 3.33 5.23 -0.54
C PHE A 36 4.17 3.99 -0.17
N LEU A 37 3.66 2.82 -0.60
CA LEU A 37 4.21 1.55 -0.14
C LEU A 37 5.62 1.28 -0.69
N LEU A 38 5.84 1.82 -1.92
CA LEU A 38 7.08 1.57 -2.65
C LEU A 38 8.19 2.54 -2.16
N SER A 39 7.70 3.69 -1.65
CA SER A 39 8.59 4.72 -1.10
C SER A 39 9.07 4.39 0.31
N GLN A 40 8.42 3.38 0.94
CA GLN A 40 8.83 2.95 2.28
C GLN A 40 10.12 2.12 2.17
N ASN A 41 11.23 2.85 2.41
CA ASN A 41 12.57 2.26 2.37
C ASN A 41 12.73 1.36 3.61
N PHE A 42 13.18 0.12 3.32
CA PHE A 42 13.35 -0.89 4.35
C PHE A 42 14.01 -2.11 3.70
N ASP A 43 15.28 -2.36 4.10
CA ASP A 43 15.96 -3.58 3.66
C ASP A 43 17.33 -3.66 4.36
N ASP A 44 18.00 -2.49 4.36
CA ASP A 44 19.34 -2.31 4.94
C ASP A 44 20.41 -3.18 4.28
N GLU A 45 20.17 -3.45 2.97
CA GLU A 45 21.03 -4.35 2.19
C GLU A 45 20.93 -4.01 0.69
N GLN A 1 -15.85 -0.40 -0.71
CA GLN A 1 -14.93 -1.52 -0.51
C GLN A 1 -13.61 -1.26 -1.25
N GLU A 2 -12.50 -1.42 -0.48
CA GLU A 2 -11.15 -1.21 -0.98
C GLU A 2 -10.27 -2.44 -0.78
N LYS A 3 -10.91 -3.53 -0.27
CA LYS A 3 -10.25 -4.81 0.01
C LYS A 3 -9.58 -5.45 -1.22
N GLU A 4 -10.06 -4.98 -2.39
CA GLU A 4 -9.56 -5.42 -3.70
C GLU A 4 -8.12 -4.96 -3.91
N ALA A 5 -7.90 -3.71 -3.46
CA ALA A 5 -6.56 -3.17 -3.49
C ALA A 5 -5.71 -3.75 -2.36
N ILE A 6 -6.36 -4.32 -1.32
CA ILE A 6 -5.56 -4.77 -0.17
C ILE A 6 -4.70 -5.99 -0.56
N GLU A 7 -5.33 -6.96 -1.24
CA GLU A 7 -4.58 -8.12 -1.73
C GLU A 7 -3.58 -7.77 -2.86
N ARG A 8 -3.80 -6.59 -3.46
CA ARG A 8 -2.97 -6.12 -4.57
C ARG A 8 -1.69 -5.50 -4.03
N LEU A 9 -1.90 -4.49 -3.15
CA LEU A 9 -0.90 -3.77 -2.39
C LEU A 9 0.02 -4.78 -1.66
N LYS A 10 -0.62 -5.76 -0.98
CA LYS A 10 0.11 -6.83 -0.27
C LYS A 10 0.91 -7.72 -1.24
N ALA A 11 0.31 -7.93 -2.43
CA ALA A 11 0.92 -8.80 -3.43
C ALA A 11 2.23 -8.22 -4.00
N LEU A 12 2.41 -6.88 -3.82
CA LEU A 12 3.65 -6.24 -4.24
C LEU A 12 4.80 -6.50 -3.21
N GLY A 13 4.52 -7.35 -2.18
CA GLY A 13 5.52 -7.75 -1.18
C GLY A 13 5.37 -7.00 0.15
N PHE A 14 4.13 -6.49 0.35
CA PHE A 14 3.84 -5.63 1.51
C PHE A 14 2.98 -6.44 2.51
N GLU A 15 2.08 -5.72 3.22
CA GLU A 15 1.26 -6.31 4.27
C GLU A 15 0.07 -5.38 4.53
N GLU A 16 -1.10 -6.03 4.78
CA GLU A 16 -2.41 -5.40 4.95
C GLU A 16 -2.41 -4.14 5.86
N SER A 17 -1.43 -4.07 6.77
CA SER A 17 -1.36 -2.96 7.70
C SER A 17 -0.70 -1.74 7.04
N LEU A 18 0.50 -1.97 6.45
CA LEU A 18 1.19 -0.88 5.75
C LEU A 18 0.39 -0.41 4.52
N VAL A 19 -0.45 -1.36 4.05
CA VAL A 19 -1.32 -1.28 2.88
C VAL A 19 -2.54 -0.40 3.17
N ILE A 20 -3.27 -0.80 4.23
CA ILE A 20 -4.44 -0.05 4.66
C ILE A 20 -4.05 1.40 4.92
N GLN A 21 -3.05 1.58 5.79
CA GLN A 21 -2.57 2.92 6.11
C GLN A 21 -2.00 3.66 4.86
N ALA A 22 -1.51 2.86 3.89
CA ALA A 22 -0.98 3.44 2.65
C ALA A 22 -2.06 3.71 1.59
N TYR A 23 -3.30 3.22 1.86
CA TYR A 23 -4.43 3.38 0.94
C TYR A 23 -5.55 4.16 1.63
N PHE A 24 -5.36 4.49 2.93
CA PHE A 24 -6.36 5.25 3.68
C PHE A 24 -5.80 6.64 3.95
N ALA A 25 -4.49 6.66 4.29
CA ALA A 25 -3.77 7.92 4.47
C ALA A 25 -3.54 8.62 3.12
N CYS A 26 -3.48 7.77 2.07
CA CYS A 26 -3.37 8.26 0.69
C CYS A 26 -4.72 8.70 0.10
N GLU A 27 -5.79 8.63 0.93
CA GLU A 27 -7.15 8.95 0.48
C GLU A 27 -7.56 8.04 -0.70
N LYS A 28 -7.58 6.73 -0.37
CA LYS A 28 -8.12 5.63 -1.17
C LYS A 28 -7.95 5.86 -2.68
N ASN A 29 -6.68 6.10 -3.04
CA ASN A 29 -6.32 6.49 -4.40
C ASN A 29 -5.80 5.24 -5.11
N GLU A 30 -4.75 5.40 -5.96
CA GLU A 30 -4.24 4.25 -6.72
C GLU A 30 -2.72 4.35 -6.85
N ASN A 31 -2.30 5.21 -7.80
CA ASN A 31 -0.89 5.50 -8.01
C ASN A 31 -0.25 6.14 -6.78
N LEU A 32 -1.12 6.73 -5.93
CA LEU A 32 -0.65 7.43 -4.72
C LEU A 32 -0.34 6.42 -3.63
N ALA A 33 -1.27 5.46 -3.52
CA ALA A 33 -1.16 4.44 -2.50
C ALA A 33 0.06 3.55 -2.76
N ALA A 34 0.17 3.14 -4.04
CA ALA A 34 1.36 2.42 -4.47
C ALA A 34 2.62 3.23 -4.14
N ASN A 35 2.61 4.53 -4.53
CA ASN A 35 3.78 5.37 -4.26
C ASN A 35 4.20 5.35 -2.77
N PHE A 36 3.19 5.27 -1.87
CA PHE A 36 3.44 5.21 -0.42
C PHE A 36 4.27 3.95 -0.06
N LEU A 37 3.72 2.78 -0.49
CA LEU A 37 4.29 1.51 -0.04
C LEU A 37 5.67 1.23 -0.70
N LEU A 38 5.80 1.79 -1.93
CA LEU A 38 7.01 1.59 -2.72
C LEU A 38 8.12 2.58 -2.27
N SER A 39 7.62 3.72 -1.73
CA SER A 39 8.47 4.77 -1.18
C SER A 39 9.22 4.33 0.07
N GLN A 40 8.65 3.32 0.78
CA GLN A 40 9.26 2.75 1.99
C GLN A 40 10.78 2.53 1.82
N ASN A 41 11.52 3.49 2.40
CA ASN A 41 12.97 3.57 2.26
C ASN A 41 13.61 2.31 2.86
N PHE A 42 14.54 1.76 2.04
CA PHE A 42 15.13 0.46 2.32
C PHE A 42 16.11 0.14 1.19
N ASP A 43 17.27 -0.44 1.64
CA ASP A 43 18.31 -0.95 0.75
C ASP A 43 18.69 0.11 -0.31
N ASP A 44 19.53 1.05 0.15
CA ASP A 44 19.92 2.19 -0.67
C ASP A 44 21.35 2.62 -0.31
N GLU A 45 22.16 1.60 0.08
CA GLU A 45 23.57 1.86 0.41
C GLU A 45 24.44 0.76 -0.24
N GLN A 1 -14.79 -0.89 1.48
CA GLN A 1 -14.64 -1.64 0.24
C GLN A 1 -13.27 -1.31 -0.40
N GLU A 2 -12.22 -1.71 0.33
CA GLU A 2 -10.84 -1.50 -0.12
C GLU A 2 -10.09 -2.80 -0.33
N LYS A 3 -10.62 -3.90 0.27
CA LYS A 3 -10.06 -5.27 0.22
C LYS A 3 -9.50 -5.70 -1.15
N GLU A 4 -10.09 -5.09 -2.19
CA GLU A 4 -9.67 -5.30 -3.57
C GLU A 4 -8.18 -4.93 -3.76
N ALA A 5 -7.92 -3.65 -3.40
CA ALA A 5 -6.56 -3.15 -3.46
C ALA A 5 -5.70 -3.73 -2.34
N ILE A 6 -6.34 -4.27 -1.28
CA ILE A 6 -5.53 -4.72 -0.14
C ILE A 6 -4.64 -5.89 -0.54
N GLU A 7 -5.26 -6.88 -1.21
CA GLU A 7 -4.49 -8.05 -1.65
C GLU A 7 -3.48 -7.68 -2.75
N ARG A 8 -3.74 -6.51 -3.37
CA ARG A 8 -2.95 -6.04 -4.50
C ARG A 8 -1.66 -5.39 -4.02
N LEU A 9 -1.86 -4.43 -3.08
CA LEU A 9 -0.86 -3.70 -2.33
C LEU A 9 0.04 -4.72 -1.60
N LYS A 10 -0.61 -5.71 -0.97
CA LYS A 10 0.10 -6.80 -0.30
C LYS A 10 0.89 -7.68 -1.29
N ALA A 11 0.31 -7.85 -2.50
CA ALA A 11 0.91 -8.71 -3.52
C ALA A 11 2.24 -8.16 -4.07
N LEU A 12 2.44 -6.83 -3.85
CA LEU A 12 3.70 -6.21 -4.23
C LEU A 12 4.85 -6.52 -3.21
N GLY A 13 4.53 -7.38 -2.21
CA GLY A 13 5.51 -7.84 -1.23
C GLY A 13 5.42 -7.09 0.11
N PHE A 14 4.20 -6.55 0.37
CA PHE A 14 3.95 -5.68 1.52
C PHE A 14 3.12 -6.45 2.57
N GLU A 15 2.24 -5.71 3.28
CA GLU A 15 1.41 -6.29 4.32
C GLU A 15 0.17 -5.43 4.53
N GLU A 16 -0.97 -6.15 4.70
CA GLU A 16 -2.31 -5.60 4.82
C GLU A 16 -2.41 -4.38 5.77
N SER A 17 -1.46 -4.29 6.72
CA SER A 17 -1.43 -3.17 7.65
C SER A 17 -0.79 -1.92 7.02
N LEU A 18 0.43 -2.10 6.45
CA LEU A 18 1.08 -0.96 5.78
C LEU A 18 0.29 -0.54 4.54
N VAL A 19 -0.49 -1.50 4.05
CA VAL A 19 -1.38 -1.43 2.90
C VAL A 19 -2.58 -0.53 3.19
N ILE A 20 -3.32 -0.93 4.24
CA ILE A 20 -4.51 -0.20 4.64
C ILE A 20 -4.17 1.25 4.93
N GLN A 21 -3.10 1.42 5.74
CA GLN A 21 -2.68 2.77 6.12
C GLN A 21 -2.06 3.53 4.93
N ALA A 22 -1.55 2.75 3.95
CA ALA A 22 -1.03 3.33 2.71
C ALA A 22 -2.12 3.62 1.68
N TYR A 23 -3.33 3.10 1.96
CA TYR A 23 -4.48 3.29 1.06
C TYR A 23 -5.48 4.26 1.68
N PHE A 24 -5.40 4.39 3.02
CA PHE A 24 -6.32 5.24 3.78
C PHE A 24 -5.70 6.64 3.91
N ALA A 25 -4.37 6.63 4.21
CA ALA A 25 -3.61 7.87 4.35
C ALA A 25 -3.40 8.55 2.97
N CYS A 26 -3.43 7.69 1.92
CA CYS A 26 -3.34 8.18 0.55
C CYS A 26 -4.69 8.69 0.02
N GLU A 27 -5.74 8.64 0.88
CA GLU A 27 -7.10 8.95 0.45
C GLU A 27 -7.54 8.06 -0.72
N LYS A 28 -7.67 6.77 -0.36
CA LYS A 28 -8.19 5.69 -1.19
C LYS A 28 -7.95 5.91 -2.70
N ASN A 29 -6.63 6.04 -3.00
CA ASN A 29 -6.19 6.36 -4.35
C ASN A 29 -5.57 5.08 -4.93
N GLU A 30 -4.78 5.25 -6.01
CA GLU A 30 -4.24 4.10 -6.72
C GLU A 30 -2.73 4.26 -6.89
N ASN A 31 -2.38 5.15 -7.84
CA ASN A 31 -0.98 5.47 -8.10
C ASN A 31 -0.31 6.11 -6.88
N LEU A 32 -1.16 6.67 -5.98
CA LEU A 32 -0.66 7.37 -4.79
C LEU A 32 -0.35 6.36 -3.69
N ALA A 33 -1.28 5.39 -3.59
CA ALA A 33 -1.15 4.30 -2.65
C ALA A 33 0.10 3.46 -2.90
N ALA A 34 0.25 3.08 -4.18
CA ALA A 34 1.46 2.36 -4.60
C ALA A 34 2.71 3.19 -4.25
N ASN A 35 2.66 4.48 -4.62
CA ASN A 35 3.81 5.34 -4.31
C ASN A 35 4.16 5.37 -2.81
N PHE A 36 3.10 5.29 -1.95
CA PHE A 36 3.30 5.25 -0.50
C PHE A 36 4.14 4.02 -0.09
N LEU A 37 3.66 2.84 -0.53
CA LEU A 37 4.23 1.58 -0.06
C LEU A 37 5.63 1.32 -0.66
N LEU A 38 5.83 1.87 -1.87
CA LEU A 38 7.07 1.64 -2.62
C LEU A 38 8.17 2.61 -2.13
N SER A 39 7.67 3.77 -1.62
CA SER A 39 8.51 4.83 -1.08
C SER A 39 9.02 4.50 0.32
N GLN A 40 8.37 3.49 0.95
CA GLN A 40 8.85 2.97 2.24
C GLN A 40 10.25 2.35 2.08
N ASN A 41 11.23 3.21 2.40
CA ASN A 41 12.65 2.87 2.45
C ASN A 41 12.90 1.56 3.20
N PHE A 42 13.69 0.72 2.50
CA PHE A 42 13.97 -0.64 2.94
C PHE A 42 15.04 -1.24 2.02
N ASP A 43 16.11 -1.72 2.69
CA ASP A 43 17.18 -2.44 2.00
C ASP A 43 17.97 -3.24 3.06
N ASP A 44 18.10 -4.55 2.77
CA ASP A 44 18.83 -5.46 3.65
C ASP A 44 20.35 -5.25 3.54
N GLU A 45 20.77 -4.94 2.29
CA GLU A 45 22.18 -4.68 1.96
C GLU A 45 23.01 -5.99 1.94
N GLN A 1 -15.43 0.10 0.07
CA GLN A 1 -14.58 -1.06 0.33
C GLN A 1 -13.36 -1.01 -0.61
N GLU A 2 -12.15 -1.09 0.01
CA GLU A 2 -10.91 -1.11 -0.78
C GLU A 2 -10.16 -2.44 -0.62
N LYS A 3 -10.86 -3.43 -0.04
CA LYS A 3 -10.24 -4.74 0.22
C LYS A 3 -9.57 -5.41 -1.00
N GLU A 4 -10.04 -4.93 -2.18
CA GLU A 4 -9.59 -5.43 -3.47
C GLU A 4 -8.13 -5.03 -3.76
N ALA A 5 -7.87 -3.78 -3.34
CA ALA A 5 -6.51 -3.28 -3.43
C ALA A 5 -5.66 -3.84 -2.29
N ILE A 6 -6.27 -4.43 -1.24
CA ILE A 6 -5.46 -4.89 -0.11
C ILE A 6 -4.71 -6.18 -0.41
N GLU A 7 -5.23 -6.93 -1.40
CA GLU A 7 -4.52 -8.13 -1.86
C GLU A 7 -3.53 -7.77 -2.98
N ARG A 8 -3.72 -6.55 -3.53
CA ARG A 8 -2.87 -6.08 -4.62
C ARG A 8 -1.60 -5.44 -4.07
N LEU A 9 -1.86 -4.45 -3.18
CA LEU A 9 -0.88 -3.74 -2.37
C LEU A 9 -0.01 -4.77 -1.61
N LYS A 10 -0.69 -5.74 -0.96
CA LYS A 10 0.04 -6.83 -0.31
C LYS A 10 0.85 -7.69 -1.30
N ALA A 11 0.26 -7.88 -2.51
CA ALA A 11 0.88 -8.75 -3.51
C ALA A 11 2.23 -8.19 -4.03
N LEU A 12 2.42 -6.86 -3.82
CA LEU A 12 3.69 -6.25 -4.19
C LEU A 12 4.82 -6.56 -3.16
N GLY A 13 4.49 -7.41 -2.15
CA GLY A 13 5.46 -7.86 -1.15
C GLY A 13 5.35 -7.10 0.18
N PHE A 14 4.11 -6.58 0.42
CA PHE A 14 3.84 -5.71 1.56
C PHE A 14 3.00 -6.48 2.60
N GLU A 15 2.09 -5.75 3.28
CA GLU A 15 1.28 -6.31 4.35
C GLU A 15 0.06 -5.41 4.54
N GLU A 16 -1.09 -6.07 4.78
CA GLU A 16 -2.41 -5.45 4.87
C GLU A 16 -2.45 -4.23 5.86
N SER A 17 -1.47 -4.15 6.78
CA SER A 17 -1.41 -3.02 7.69
C SER A 17 -0.77 -1.79 7.02
N LEU A 18 0.43 -2.02 6.43
CA LEU A 18 1.12 -0.92 5.75
C LEU A 18 0.33 -0.50 4.51
N VAL A 19 -0.50 -1.42 4.04
CA VAL A 19 -1.37 -1.32 2.89
C VAL A 19 -2.58 -0.41 3.17
N ILE A 20 -3.32 -0.83 4.22
CA ILE A 20 -4.51 -0.10 4.64
C ILE A 20 -4.18 1.36 4.94
N GLN A 21 -3.14 1.51 5.77
CA GLN A 21 -2.69 2.83 6.18
C GLN A 21 -2.06 3.62 5.02
N ALA A 22 -1.56 2.86 4.00
CA ALA A 22 -1.02 3.46 2.79
C ALA A 22 -2.08 3.80 1.74
N TYR A 23 -3.28 3.22 1.93
CA TYR A 23 -4.39 3.44 0.99
C TYR A 23 -5.42 4.37 1.64
N PHE A 24 -5.32 4.56 2.98
CA PHE A 24 -6.29 5.39 3.69
C PHE A 24 -5.69 6.79 3.91
N ALA A 25 -4.36 6.76 4.21
CA ALA A 25 -3.62 8.00 4.35
C ALA A 25 -3.44 8.69 2.99
N CYS A 26 -3.48 7.85 1.93
CA CYS A 26 -3.42 8.32 0.55
C CYS A 26 -4.81 8.75 0.01
N GLU A 27 -5.82 8.75 0.90
CA GLU A 27 -7.19 9.10 0.52
C GLU A 27 -7.73 8.16 -0.59
N LYS A 28 -7.67 6.85 -0.25
CA LYS A 28 -8.21 5.72 -1.02
C LYS A 28 -8.19 5.97 -2.54
N ASN A 29 -6.96 6.32 -2.98
CA ASN A 29 -6.72 6.63 -4.38
C ASN A 29 -6.34 5.31 -5.08
N GLU A 30 -5.02 5.11 -5.31
CA GLU A 30 -4.56 3.98 -6.11
C GLU A 30 -3.07 4.14 -6.40
N ASN A 31 -2.79 4.98 -7.42
CA ASN A 31 -1.43 5.29 -7.84
C ASN A 31 -0.65 5.98 -6.71
N LEU A 32 -1.44 6.59 -5.81
CA LEU A 32 -0.85 7.28 -4.67
C LEU A 32 -0.39 6.25 -3.62
N ALA A 33 -1.31 5.28 -3.40
CA ALA A 33 -1.06 4.26 -2.39
C ALA A 33 0.17 3.42 -2.72
N ALA A 34 0.23 3.00 -4.01
CA ALA A 34 1.42 2.33 -4.50
C ALA A 34 2.66 3.18 -4.21
N ASN A 35 2.57 4.47 -4.56
CA ASN A 35 3.70 5.35 -4.30
C ASN A 35 4.11 5.38 -2.81
N PHE A 36 3.09 5.30 -1.92
CA PHE A 36 3.34 5.27 -0.48
C PHE A 36 4.18 4.04 -0.09
N LEU A 37 3.70 2.86 -0.54
CA LEU A 37 4.24 1.59 -0.09
C LEU A 37 5.64 1.31 -0.68
N LEU A 38 5.84 1.85 -1.92
CA LEU A 38 7.07 1.60 -2.67
C LEU A 38 8.18 2.59 -2.23
N SER A 39 7.69 3.75 -1.72
CA SER A 39 8.54 4.82 -1.20
C SER A 39 9.16 4.41 0.15
N GLN A 40 8.46 3.49 0.86
CA GLN A 40 9.00 2.93 2.09
C GLN A 40 10.05 1.84 1.77
N ASN A 41 11.30 2.33 1.65
CA ASN A 41 12.49 1.51 1.41
C ASN A 41 12.62 0.41 2.48
N PHE A 42 12.87 -0.82 2.00
CA PHE A 42 12.88 -2.00 2.89
C PHE A 42 13.38 -3.27 2.13
N ASP A 43 14.19 -3.03 1.09
CA ASP A 43 14.69 -4.14 0.29
C ASP A 43 15.75 -3.56 -0.66
N ASP A 44 15.26 -3.15 -1.85
CA ASP A 44 16.11 -2.72 -2.95
C ASP A 44 17.18 -3.79 -3.27
N GLU A 45 16.80 -4.68 -4.22
CA GLU A 45 17.70 -5.73 -4.72
C GLU A 45 18.82 -5.10 -5.60
N GLN A 1 -15.01 -0.49 0.50
CA GLN A 1 -14.85 -1.73 -0.26
C GLN A 1 -13.47 -1.83 -0.92
N GLU A 2 -12.46 -1.35 -0.17
CA GLU A 2 -11.13 -1.20 -0.75
C GLU A 2 -10.24 -2.43 -0.50
N LYS A 3 -10.91 -3.52 -0.07
CA LYS A 3 -10.31 -4.82 0.20
C LYS A 3 -9.65 -5.45 -1.06
N GLU A 4 -10.10 -4.96 -2.24
CA GLU A 4 -9.57 -5.40 -3.54
C GLU A 4 -8.11 -4.96 -3.72
N ALA A 5 -7.87 -3.71 -3.24
CA ALA A 5 -6.51 -3.21 -3.28
C ALA A 5 -5.67 -3.87 -2.18
N ILE A 6 -6.32 -4.50 -1.18
CA ILE A 6 -5.54 -4.99 -0.04
C ILE A 6 -4.75 -6.25 -0.39
N GLU A 7 -5.27 -7.02 -1.37
CA GLU A 7 -4.53 -8.18 -1.87
C GLU A 7 -3.53 -7.77 -2.98
N ARG A 8 -3.75 -6.55 -3.51
CA ARG A 8 -2.95 -6.04 -4.62
C ARG A 8 -1.66 -5.42 -4.09
N LEU A 9 -1.90 -4.48 -3.15
CA LEU A 9 -0.91 -3.76 -2.35
C LEU A 9 -0.03 -4.77 -1.61
N LYS A 10 -0.71 -5.75 -0.96
CA LYS A 10 0.03 -6.85 -0.31
C LYS A 10 0.84 -7.69 -1.32
N ALA A 11 0.27 -7.85 -2.53
CA ALA A 11 0.89 -8.71 -3.55
C ALA A 11 2.23 -8.14 -4.06
N LEU A 12 2.45 -6.83 -3.84
CA LEU A 12 3.72 -6.20 -4.19
C LEU A 12 4.82 -6.53 -3.16
N GLY A 13 4.49 -7.42 -2.18
CA GLY A 13 5.45 -7.89 -1.18
C GLY A 13 5.36 -7.10 0.13
N PHE A 14 4.12 -6.64 0.43
CA PHE A 14 3.83 -5.77 1.58
C PHE A 14 2.98 -6.56 2.60
N GLU A 15 2.06 -5.83 3.28
CA GLU A 15 1.21 -6.40 4.34
C GLU A 15 0.01 -5.47 4.52
N GLU A 16 -1.15 -6.11 4.76
CA GLU A 16 -2.47 -5.46 4.87
C GLU A 16 -2.51 -4.25 5.85
N SER A 17 -1.52 -4.20 6.77
CA SER A 17 -1.45 -3.08 7.71
C SER A 17 -0.81 -1.85 7.04
N LEU A 18 0.39 -2.05 6.47
CA LEU A 18 1.08 -0.94 5.80
C LEU A 18 0.31 -0.48 4.56
N VAL A 19 -0.53 -1.40 4.09
CA VAL A 19 -1.39 -1.32 2.92
C VAL A 19 -2.61 -0.45 3.21
N ILE A 20 -3.38 -0.89 4.24
CA ILE A 20 -4.60 -0.19 4.61
C ILE A 20 -4.29 1.27 4.93
N GLN A 21 -3.24 1.45 5.75
CA GLN A 21 -2.83 2.78 6.16
C GLN A 21 -2.16 3.57 5.00
N ALA A 22 -1.57 2.82 4.04
CA ALA A 22 -1.00 3.43 2.84
C ALA A 22 -2.06 3.79 1.81
N TYR A 23 -3.27 3.21 1.98
CA TYR A 23 -4.35 3.44 1.03
C TYR A 23 -5.32 4.47 1.63
N PHE A 24 -5.39 4.48 2.98
CA PHE A 24 -6.33 5.34 3.70
C PHE A 24 -5.71 6.74 3.91
N ALA A 25 -4.39 6.72 4.23
CA ALA A 25 -3.63 7.95 4.39
C ALA A 25 -3.44 8.66 3.03
N CYS A 26 -3.49 7.83 1.97
CA CYS A 26 -3.41 8.33 0.60
C CYS A 26 -4.77 8.80 0.05
N GLU A 27 -5.82 8.79 0.92
CA GLU A 27 -7.18 9.13 0.49
C GLU A 27 -7.64 8.20 -0.66
N LYS A 28 -7.67 6.90 -0.28
CA LYS A 28 -8.16 5.75 -1.05
C LYS A 28 -7.97 5.92 -2.57
N ASN A 29 -6.68 6.12 -2.93
CA ASN A 29 -6.33 6.50 -4.30
C ASN A 29 -5.77 5.26 -5.02
N GLU A 30 -4.71 5.40 -5.83
CA GLU A 30 -4.21 4.24 -6.59
C GLU A 30 -2.70 4.37 -6.79
N ASN A 31 -2.36 5.35 -7.67
CA ASN A 31 -0.97 5.69 -7.95
C ASN A 31 -0.30 6.31 -6.72
N LEU A 32 -1.16 6.83 -5.81
CA LEU A 32 -0.63 7.46 -4.60
C LEU A 32 -0.26 6.39 -3.57
N ALA A 33 -1.19 5.41 -3.46
CA ALA A 33 -1.02 4.32 -2.52
C ALA A 33 0.20 3.47 -2.84
N ALA A 34 0.30 3.13 -4.15
CA ALA A 34 1.48 2.42 -4.62
C ALA A 34 2.74 3.23 -4.29
N ASN A 35 2.70 4.53 -4.64
CA ASN A 35 3.87 5.36 -4.34
C ASN A 35 4.23 5.38 -2.85
N PHE A 36 3.19 5.30 -1.99
CA PHE A 36 3.39 5.29 -0.53
C PHE A 36 4.21 4.05 -0.12
N LEU A 37 3.70 2.88 -0.56
CA LEU A 37 4.21 1.60 -0.12
C LEU A 37 5.61 1.30 -0.70
N LEU A 38 5.85 1.87 -1.90
CA LEU A 38 7.08 1.63 -2.64
C LEU A 38 8.18 2.64 -2.19
N SER A 39 7.69 3.79 -1.68
CA SER A 39 8.54 4.86 -1.15
C SER A 39 8.83 4.67 0.35
N GLN A 40 8.16 3.65 0.93
CA GLN A 40 8.39 3.29 2.31
C GLN A 40 9.64 2.39 2.42
N ASN A 41 9.83 1.87 3.65
CA ASN A 41 11.00 1.06 4.00
C ASN A 41 10.49 -0.31 4.47
N PHE A 42 10.97 -1.36 3.76
CA PHE A 42 10.57 -2.74 4.07
C PHE A 42 11.39 -3.74 3.20
N ASP A 43 12.64 -3.35 2.88
CA ASP A 43 13.49 -4.21 2.06
C ASP A 43 14.90 -3.61 1.95
N ASP A 44 15.76 -4.34 1.21
CA ASP A 44 17.13 -3.89 1.01
C ASP A 44 17.71 -4.54 -0.27
N GLU A 45 16.92 -4.41 -1.36
CA GLU A 45 17.35 -4.94 -2.66
C GLU A 45 18.53 -4.11 -3.21
N GLN A 1 -15.40 -0.41 0.52
CA GLN A 1 -14.94 -1.58 -0.21
C GLN A 1 -13.59 -1.31 -0.87
N GLU A 2 -12.52 -1.61 -0.09
CA GLU A 2 -11.17 -1.40 -0.57
C GLU A 2 -10.29 -2.63 -0.39
N LYS A 3 -10.94 -3.74 0.05
CA LYS A 3 -10.26 -5.03 0.27
C LYS A 3 -9.59 -5.59 -1.01
N GLU A 4 -10.06 -5.06 -2.16
CA GLU A 4 -9.57 -5.45 -3.48
C GLU A 4 -8.11 -5.02 -3.66
N ALA A 5 -7.87 -3.78 -3.19
CA ALA A 5 -6.52 -3.26 -3.22
C ALA A 5 -5.67 -3.90 -2.12
N ILE A 6 -6.31 -4.56 -1.13
CA ILE A 6 -5.53 -5.04 0.01
C ILE A 6 -4.74 -6.31 -0.31
N GLU A 7 -5.22 -7.04 -1.33
CA GLU A 7 -4.47 -8.20 -1.83
C GLU A 7 -3.51 -7.78 -2.96
N ARG A 8 -3.75 -6.56 -3.49
CA ARG A 8 -2.99 -6.04 -4.61
C ARG A 8 -1.69 -5.41 -4.10
N LEU A 9 -1.92 -4.48 -3.14
CA LEU A 9 -0.92 -3.74 -2.38
C LEU A 9 -0.02 -4.76 -1.63
N LYS A 10 -0.68 -5.74 -0.96
CA LYS A 10 0.08 -6.82 -0.33
C LYS A 10 0.87 -7.67 -1.36
N ALA A 11 0.28 -7.82 -2.57
CA ALA A 11 0.89 -8.68 -3.59
C ALA A 11 2.24 -8.13 -4.09
N LEU A 12 2.47 -6.82 -3.86
CA LEU A 12 3.74 -6.20 -4.20
C LEU A 12 4.86 -6.54 -3.16
N GLY A 13 4.52 -7.40 -2.17
CA GLY A 13 5.47 -7.89 -1.17
C GLY A 13 5.36 -7.15 0.17
N PHE A 14 4.13 -6.64 0.44
CA PHE A 14 3.86 -5.77 1.59
C PHE A 14 3.01 -6.55 2.62
N GLU A 15 2.10 -5.81 3.30
CA GLU A 15 1.26 -6.37 4.37
C GLU A 15 0.05 -5.45 4.54
N GLU A 16 -1.11 -6.11 4.77
CA GLU A 16 -2.43 -5.48 4.85
C GLU A 16 -2.49 -4.28 5.85
N SER A 17 -1.50 -4.20 6.76
CA SER A 17 -1.45 -3.08 7.70
C SER A 17 -0.82 -1.84 7.04
N LEU A 18 0.39 -2.03 6.46
CA LEU A 18 1.08 -0.92 5.79
C LEU A 18 0.30 -0.45 4.56
N VAL A 19 -0.54 -1.39 4.08
CA VAL A 19 -1.40 -1.31 2.91
C VAL A 19 -2.63 -0.45 3.20
N ILE A 20 -3.39 -0.91 4.22
CA ILE A 20 -4.62 -0.23 4.61
C ILE A 20 -4.35 1.25 4.93
N GLN A 21 -3.27 1.44 5.72
CA GLN A 21 -2.83 2.76 6.12
C GLN A 21 -2.18 3.54 4.96
N ALA A 22 -1.58 2.79 4.01
CA ALA A 22 -0.99 3.42 2.82
C ALA A 22 -2.05 3.84 1.80
N TYR A 23 -3.26 3.27 1.95
CA TYR A 23 -4.34 3.54 1.01
C TYR A 23 -5.25 4.62 1.61
N PHE A 24 -5.48 4.49 2.95
CA PHE A 24 -6.35 5.39 3.72
C PHE A 24 -5.68 6.75 3.93
N ALA A 25 -4.37 6.70 4.23
CA ALA A 25 -3.58 7.92 4.41
C ALA A 25 -3.40 8.64 3.05
N CYS A 26 -3.48 7.81 1.97
CA CYS A 26 -3.40 8.32 0.61
C CYS A 26 -4.76 8.84 0.08
N GLU A 27 -5.80 8.84 0.95
CA GLU A 27 -7.16 9.22 0.55
C GLU A 27 -7.69 8.28 -0.56
N LYS A 28 -7.73 6.99 -0.18
CA LYS A 28 -8.26 5.88 -0.98
C LYS A 28 -8.02 6.03 -2.50
N ASN A 29 -6.74 6.31 -2.82
CA ASN A 29 -6.35 6.65 -4.18
C ASN A 29 -5.84 5.37 -4.88
N GLU A 30 -4.82 5.49 -5.76
CA GLU A 30 -4.31 4.31 -6.49
C GLU A 30 -2.81 4.45 -6.71
N ASN A 31 -2.47 5.37 -7.63
CA ASN A 31 -1.08 5.69 -7.94
C ASN A 31 -0.36 6.29 -6.71
N LEU A 32 -1.18 6.85 -5.79
CA LEU A 32 -0.62 7.48 -4.61
C LEU A 32 -0.26 6.40 -3.58
N ALA A 33 -1.19 5.44 -3.46
CA ALA A 33 -1.03 4.35 -2.51
C ALA A 33 0.19 3.50 -2.84
N ALA A 34 0.28 3.14 -4.13
CA ALA A 34 1.45 2.41 -4.61
C ALA A 34 2.72 3.21 -4.27
N ASN A 35 2.69 4.51 -4.64
CA ASN A 35 3.85 5.35 -4.34
C ASN A 35 4.23 5.35 -2.83
N PHE A 36 3.18 5.32 -1.97
CA PHE A 36 3.40 5.29 -0.51
C PHE A 36 4.20 4.04 -0.10
N LEU A 37 3.67 2.87 -0.56
CA LEU A 37 4.17 1.58 -0.12
C LEU A 37 5.57 1.28 -0.69
N LEU A 38 5.83 1.86 -1.88
CA LEU A 38 7.08 1.63 -2.61
C LEU A 38 8.15 2.65 -2.15
N SER A 39 7.65 3.79 -1.63
CA SER A 39 8.50 4.87 -1.11
C SER A 39 9.01 4.53 0.30
N GLN A 40 8.17 3.75 1.01
CA GLN A 40 8.53 3.28 2.35
C GLN A 40 9.44 2.04 2.21
N ASN A 41 10.75 2.34 2.35
CA ASN A 41 11.82 1.35 2.44
C ASN A 41 11.48 0.24 3.45
N PHE A 42 11.66 -0.99 2.92
CA PHE A 42 11.30 -2.21 3.64
C PHE A 42 11.75 -3.40 2.77
N ASP A 43 13.03 -3.73 2.96
CA ASP A 43 13.66 -4.85 2.29
C ASP A 43 14.77 -5.46 3.18
N ASP A 44 14.31 -6.27 4.16
CA ASP A 44 15.19 -7.00 5.08
C ASP A 44 16.24 -7.84 4.32
N GLU A 45 15.88 -8.24 3.08
CA GLU A 45 16.81 -8.92 2.18
C GLU A 45 17.87 -7.91 1.64
N GLN A 1 -15.21 -1.39 -0.06
CA GLN A 1 -14.46 -2.05 0.99
C GLN A 1 -12.95 -1.78 0.86
N GLU A 2 -12.53 -1.76 -0.43
CA GLU A 2 -11.15 -1.51 -0.86
C GLU A 2 -10.28 -2.76 -0.82
N LYS A 3 -10.87 -3.86 -0.28
CA LYS A 3 -10.19 -5.14 -0.07
C LYS A 3 -9.52 -5.71 -1.33
N GLU A 4 -9.99 -5.19 -2.48
CA GLU A 4 -9.49 -5.59 -3.79
C GLU A 4 -8.04 -5.12 -3.96
N ALA A 5 -7.86 -3.82 -3.65
CA ALA A 5 -6.51 -3.29 -3.70
C ALA A 5 -5.67 -3.86 -2.55
N ILE A 6 -6.31 -4.40 -1.49
CA ILE A 6 -5.51 -4.85 -0.34
C ILE A 6 -4.67 -6.08 -0.70
N GLU A 7 -5.30 -7.05 -1.37
CA GLU A 7 -4.54 -8.23 -1.80
C GLU A 7 -3.48 -7.89 -2.87
N ARG A 8 -3.70 -6.72 -3.52
CA ARG A 8 -2.82 -6.27 -4.60
C ARG A 8 -1.56 -5.63 -4.02
N LEU A 9 -1.81 -4.59 -3.19
CA LEU A 9 -0.84 -3.85 -2.37
C LEU A 9 0.06 -4.86 -1.60
N LYS A 10 -0.60 -5.82 -0.93
CA LYS A 10 0.10 -6.88 -0.20
C LYS A 10 0.94 -7.79 -1.12
N ALA A 11 0.37 -8.02 -2.32
CA ALA A 11 1.01 -8.91 -3.30
C ALA A 11 2.32 -8.33 -3.85
N LEU A 12 2.48 -7.00 -3.70
CA LEU A 12 3.73 -6.35 -4.10
C LEU A 12 4.87 -6.58 -3.05
N GLY A 13 4.56 -7.40 -2.01
CA GLY A 13 5.54 -7.79 -0.98
C GLY A 13 5.37 -7.01 0.33
N PHE A 14 4.11 -6.49 0.51
CA PHE A 14 3.80 -5.61 1.63
C PHE A 14 2.95 -6.39 2.65
N GLU A 15 2.01 -5.67 3.31
CA GLU A 15 1.17 -6.25 4.38
C GLU A 15 -0.05 -5.35 4.58
N GLU A 16 -1.19 -6.02 4.82
CA GLU A 16 -2.52 -5.40 4.96
C GLU A 16 -2.55 -4.14 5.88
N SER A 17 -1.60 -4.07 6.82
CA SER A 17 -1.55 -2.93 7.72
C SER A 17 -0.88 -1.72 7.05
N LEU A 18 0.33 -1.97 6.48
CA LEU A 18 1.03 -0.88 5.80
C LEU A 18 0.28 -0.48 4.53
N VAL A 19 -0.60 -1.38 4.10
CA VAL A 19 -1.40 -1.31 2.88
C VAL A 19 -2.61 -0.39 3.11
N ILE A 20 -3.40 -0.80 4.12
CA ILE A 20 -4.62 -0.07 4.48
C ILE A 20 -4.28 1.36 4.87
N GLN A 21 -3.28 1.45 5.76
CA GLN A 21 -2.84 2.74 6.26
C GLN A 21 -2.17 3.58 5.14
N ALA A 22 -1.62 2.87 4.13
CA ALA A 22 -1.02 3.52 2.96
C ALA A 22 -2.07 3.92 1.92
N TYR A 23 -3.25 3.27 2.01
CA TYR A 23 -4.32 3.54 1.05
C TYR A 23 -5.28 4.57 1.67
N PHE A 24 -5.28 4.66 3.01
CA PHE A 24 -6.20 5.56 3.73
C PHE A 24 -5.48 6.90 4.00
N ALA A 25 -4.16 6.78 4.28
CA ALA A 25 -3.34 7.98 4.49
C ALA A 25 -3.15 8.75 3.18
N CYS A 26 -3.21 7.98 2.07
CA CYS A 26 -3.14 8.58 0.74
C CYS A 26 -4.50 9.09 0.23
N GLU A 27 -5.53 9.03 1.11
CA GLU A 27 -6.90 9.40 0.72
C GLU A 27 -7.38 8.57 -0.50
N LYS A 28 -7.39 7.24 -0.24
CA LYS A 28 -7.89 6.16 -1.10
C LYS A 28 -7.84 6.50 -2.61
N ASN A 29 -6.60 6.87 -3.03
CA ASN A 29 -6.38 7.48 -4.36
C ASN A 29 -5.89 6.44 -5.38
N GLU A 30 -5.22 5.41 -4.82
CA GLU A 30 -4.79 4.20 -5.53
C GLU A 30 -3.38 4.36 -6.09
N ASN A 31 -3.28 5.30 -7.05
CA ASN A 31 -2.01 5.62 -7.69
C ASN A 31 -1.04 6.26 -6.69
N LEU A 32 -1.64 6.84 -5.63
CA LEU A 32 -0.82 7.49 -4.60
C LEU A 32 -0.44 6.45 -3.54
N ALA A 33 -1.39 5.52 -3.32
CA ALA A 33 -1.18 4.49 -2.30
C ALA A 33 0.00 3.59 -2.66
N ALA A 34 0.04 3.19 -3.95
CA ALA A 34 1.18 2.43 -4.45
C ALA A 34 2.47 3.22 -4.18
N ASN A 35 2.44 4.50 -4.54
CA ASN A 35 3.61 5.34 -4.31
C ASN A 35 4.06 5.38 -2.84
N PHE A 36 3.06 5.30 -1.92
CA PHE A 36 3.35 5.25 -0.48
C PHE A 36 4.20 4.01 -0.16
N LEU A 37 3.66 2.84 -0.55
CA LEU A 37 4.23 1.57 -0.11
C LEU A 37 5.61 1.29 -0.78
N LEU A 38 5.73 1.81 -2.03
CA LEU A 38 6.92 1.58 -2.86
C LEU A 38 8.04 2.58 -2.46
N SER A 39 7.56 3.72 -1.89
CA SER A 39 8.44 4.76 -1.36
C SER A 39 9.20 4.29 -0.11
N GLN A 40 8.60 3.30 0.59
CA GLN A 40 9.23 2.73 1.78
C GLN A 40 10.24 1.64 1.33
N ASN A 41 11.40 2.16 0.85
CA ASN A 41 12.50 1.31 0.40
C ASN A 41 12.91 0.34 1.52
N PHE A 42 13.03 -0.93 1.09
CA PHE A 42 13.26 -2.03 2.01
C PHE A 42 13.44 -3.32 1.18
N ASP A 43 14.54 -4.02 1.55
CA ASP A 43 14.90 -5.31 0.99
C ASP A 43 15.49 -5.21 -0.44
N ASP A 44 15.49 -3.96 -0.97
CA ASP A 44 15.97 -3.62 -2.32
C ASP A 44 15.32 -4.51 -3.40
N GLU A 45 13.97 -4.61 -3.29
CA GLU A 45 13.22 -5.52 -4.16
C GLU A 45 11.71 -5.20 -4.09
N GLN A 1 -15.33 -2.85 -0.33
CA GLN A 1 -14.91 -1.45 -0.39
C GLN A 1 -13.62 -1.32 -1.22
N GLU A 2 -12.48 -1.40 -0.49
CA GLU A 2 -11.16 -1.25 -1.08
C GLU A 2 -10.28 -2.49 -0.79
N LYS A 3 -10.97 -3.54 -0.29
CA LYS A 3 -10.34 -4.82 0.06
C LYS A 3 -9.66 -5.48 -1.15
N GLU A 4 -10.10 -5.03 -2.35
CA GLU A 4 -9.51 -5.46 -3.61
C GLU A 4 -8.07 -4.97 -3.75
N ALA A 5 -7.86 -3.74 -3.27
CA ALA A 5 -6.51 -3.21 -3.27
C ALA A 5 -5.68 -3.84 -2.15
N ILE A 6 -6.34 -4.49 -1.17
CA ILE A 6 -5.56 -4.97 -0.02
C ILE A 6 -4.76 -6.23 -0.36
N GLU A 7 -5.26 -6.98 -1.36
CA GLU A 7 -4.52 -8.13 -1.85
C GLU A 7 -3.54 -7.73 -2.97
N ARG A 8 -3.74 -6.50 -3.49
CA ARG A 8 -2.95 -5.98 -4.60
C ARG A 8 -1.67 -5.33 -4.06
N LEU A 9 -1.92 -4.40 -3.11
CA LEU A 9 -0.94 -3.68 -2.32
C LEU A 9 -0.05 -4.71 -1.58
N LYS A 10 -0.73 -5.69 -0.95
CA LYS A 10 0.00 -6.79 -0.33
C LYS A 10 0.83 -7.63 -1.34
N ALA A 11 0.25 -7.79 -2.55
CA ALA A 11 0.87 -8.64 -3.57
C ALA A 11 2.21 -8.08 -4.08
N LEU A 12 2.42 -6.76 -3.84
CA LEU A 12 3.69 -6.12 -4.19
C LEU A 12 4.81 -6.46 -3.18
N GLY A 13 4.50 -7.35 -2.20
CA GLY A 13 5.46 -7.83 -1.21
C GLY A 13 5.36 -7.09 0.13
N PHE A 14 4.12 -6.59 0.40
CA PHE A 14 3.84 -5.75 1.55
C PHE A 14 2.99 -6.54 2.56
N GLU A 15 2.09 -5.80 3.25
CA GLU A 15 1.26 -6.38 4.30
C GLU A 15 0.06 -5.46 4.50
N GLU A 16 -1.11 -6.11 4.73
CA GLU A 16 -2.43 -5.48 4.84
C GLU A 16 -2.48 -4.27 5.81
N SER A 17 -1.49 -4.19 6.72
CA SER A 17 -1.43 -3.09 7.66
C SER A 17 -0.77 -1.85 7.02
N LEU A 18 0.44 -2.05 6.45
CA LEU A 18 1.12 -0.93 5.79
C LEU A 18 0.32 -0.48 4.55
N VAL A 19 -0.50 -1.42 4.08
CA VAL A 19 -1.38 -1.33 2.93
C VAL A 19 -2.60 -0.45 3.23
N ILE A 20 -3.34 -0.88 4.27
CA ILE A 20 -4.55 -0.18 4.66
C ILE A 20 -4.24 1.29 4.96
N GLN A 21 -3.20 1.47 5.80
CA GLN A 21 -2.72 2.80 6.15
C GLN A 21 -2.11 3.55 4.95
N ALA A 22 -1.57 2.77 3.98
CA ALA A 22 -1.04 3.37 2.75
C ALA A 22 -2.12 3.70 1.73
N TYR A 23 -3.34 3.17 1.97
CA TYR A 23 -4.45 3.36 1.06
C TYR A 23 -5.44 4.36 1.66
N PHE A 24 -5.42 4.45 3.02
CA PHE A 24 -6.32 5.30 3.78
C PHE A 24 -5.70 6.70 3.92
N ALA A 25 -4.38 6.68 4.21
CA ALA A 25 -3.61 7.92 4.35
C ALA A 25 -3.42 8.60 2.99
N CYS A 26 -3.45 7.75 1.94
CA CYS A 26 -3.41 8.24 0.56
C CYS A 26 -4.78 8.70 0.05
N GLU A 27 -5.79 8.70 0.95
CA GLU A 27 -7.16 9.04 0.53
C GLU A 27 -7.62 8.16 -0.65
N LYS A 28 -7.71 6.85 -0.32
CA LYS A 28 -8.20 5.77 -1.17
C LYS A 28 -7.94 6.01 -2.67
N ASN A 29 -6.63 6.07 -2.97
CA ASN A 29 -6.17 6.36 -4.32
C ASN A 29 -5.47 5.10 -4.85
N GLU A 30 -4.82 5.24 -6.02
CA GLU A 30 -4.21 4.08 -6.69
C GLU A 30 -2.71 4.29 -6.84
N ASN A 31 -2.37 5.20 -7.77
CA ASN A 31 -0.97 5.52 -8.02
C ASN A 31 -0.31 6.13 -6.78
N LEU A 32 -1.17 6.67 -5.89
CA LEU A 32 -0.67 7.33 -4.69
C LEU A 32 -0.30 6.28 -3.63
N ALA A 33 -1.22 5.29 -3.51
CA ALA A 33 -1.04 4.20 -2.57
C ALA A 33 0.22 3.39 -2.87
N ALA A 34 0.35 3.04 -4.17
CA ALA A 34 1.56 2.37 -4.62
C ALA A 34 2.79 3.22 -4.29
N ASN A 35 2.72 4.52 -4.64
CA ASN A 35 3.85 5.40 -4.33
C ASN A 35 4.18 5.42 -2.82
N PHE A 36 3.13 5.28 -1.98
CA PHE A 36 3.30 5.27 -0.53
C PHE A 36 4.10 4.04 -0.07
N LEU A 37 3.66 2.86 -0.61
CA LEU A 37 4.17 1.59 -0.13
C LEU A 37 5.54 1.23 -0.72
N LEU A 38 5.86 1.91 -1.85
CA LEU A 38 7.12 1.66 -2.55
C LEU A 38 8.17 2.66 -2.06
N SER A 39 7.64 3.83 -1.61
CA SER A 39 8.47 4.92 -1.11
C SER A 39 8.86 4.70 0.35
N GLN A 40 7.86 4.21 1.13
CA GLN A 40 7.96 3.86 2.56
C GLN A 40 8.85 4.86 3.34
N ASN A 41 8.17 5.88 3.91
CA ASN A 41 8.91 6.95 4.60
C ASN A 41 9.66 6.36 5.81
N PHE A 42 10.97 6.65 5.83
CA PHE A 42 11.87 6.12 6.84
C PHE A 42 13.29 6.67 6.58
N ASP A 43 13.40 8.01 6.79
CA ASP A 43 14.72 8.62 6.65
C ASP A 43 14.72 10.07 7.18
N ASP A 44 13.88 10.29 8.22
CA ASP A 44 13.76 11.61 8.84
C ASP A 44 13.12 12.63 7.87
N GLU A 45 12.09 12.14 7.14
CA GLU A 45 11.32 12.97 6.19
C GLU A 45 10.82 14.29 6.84
N GLN A 1 -14.56 -2.48 1.18
CA GLN A 1 -14.75 -1.79 -0.08
C GLN A 1 -13.45 -1.75 -0.90
N GLU A 2 -12.37 -1.44 -0.15
CA GLU A 2 -11.04 -1.29 -0.71
C GLU A 2 -10.22 -2.59 -0.61
N LYS A 3 -10.90 -3.66 -0.11
CA LYS A 3 -10.26 -4.96 0.14
C LYS A 3 -9.57 -5.58 -1.10
N GLU A 4 -10.04 -5.09 -2.26
CA GLU A 4 -9.51 -5.45 -3.57
C GLU A 4 -8.05 -5.01 -3.73
N ALA A 5 -7.82 -3.76 -3.29
CA ALA A 5 -6.46 -3.27 -3.32
C ALA A 5 -5.64 -3.87 -2.18
N ILE A 6 -6.29 -4.49 -1.17
CA ILE A 6 -5.51 -4.95 -0.03
C ILE A 6 -4.75 -6.25 -0.36
N GLU A 7 -5.24 -6.96 -1.40
CA GLU A 7 -4.53 -8.13 -1.87
C GLU A 7 -3.51 -7.76 -2.96
N ARG A 8 -3.70 -6.52 -3.49
CA ARG A 8 -2.87 -6.03 -4.59
C ARG A 8 -1.61 -5.40 -4.02
N LEU A 9 -1.87 -4.44 -3.10
CA LEU A 9 -0.89 -3.73 -2.29
C LEU A 9 -0.03 -4.76 -1.53
N LYS A 10 -0.73 -5.74 -0.90
CA LYS A 10 0.01 -6.84 -0.26
C LYS A 10 0.81 -7.70 -1.25
N ALA A 11 0.25 -7.86 -2.47
CA ALA A 11 0.88 -8.72 -3.47
C ALA A 11 2.24 -8.18 -3.94
N LEU A 12 2.47 -6.87 -3.70
CA LEU A 12 3.74 -6.25 -4.03
C LEU A 12 4.84 -6.60 -2.97
N GLY A 13 4.48 -7.48 -2.01
CA GLY A 13 5.42 -7.96 -0.98
C GLY A 13 5.29 -7.17 0.34
N PHE A 14 4.05 -6.64 0.55
CA PHE A 14 3.80 -5.76 1.69
C PHE A 14 2.94 -6.53 2.71
N GLU A 15 2.02 -5.78 3.36
CA GLU A 15 1.18 -6.35 4.41
C GLU A 15 -0.02 -5.43 4.60
N GLU A 16 -1.18 -6.09 4.82
CA GLU A 16 -2.50 -5.47 4.88
C GLU A 16 -2.58 -4.25 5.84
N SER A 17 -1.62 -4.17 6.77
CA SER A 17 -1.55 -3.03 7.66
C SER A 17 -0.88 -1.84 6.97
N LEU A 18 0.36 -2.05 6.47
CA LEU A 18 1.03 -0.95 5.78
C LEU A 18 0.27 -0.52 4.52
N VAL A 19 -0.57 -1.47 4.06
CA VAL A 19 -1.44 -1.38 2.90
C VAL A 19 -2.62 -0.46 3.17
N ILE A 20 -3.42 -0.86 4.17
CA ILE A 20 -4.61 -0.11 4.53
C ILE A 20 -4.24 1.33 4.86
N GLN A 21 -3.21 1.44 5.73
CA GLN A 21 -2.72 2.75 6.14
C GLN A 21 -2.09 3.52 4.97
N ALA A 22 -1.58 2.76 3.97
CA ALA A 22 -1.04 3.37 2.75
C ALA A 22 -2.11 3.68 1.71
N TYR A 23 -3.32 3.13 1.93
CA TYR A 23 -4.44 3.33 1.00
C TYR A 23 -5.44 4.30 1.62
N PHE A 24 -5.33 4.51 2.95
CA PHE A 24 -6.24 5.38 3.71
C PHE A 24 -5.55 6.73 3.94
N ALA A 25 -4.24 6.66 4.26
CA ALA A 25 -3.44 7.87 4.47
C ALA A 25 -3.20 8.59 3.14
N CYS A 26 -3.24 7.80 2.05
CA CYS A 26 -3.14 8.35 0.70
C CYS A 26 -4.49 8.85 0.18
N GLU A 27 -5.54 8.81 1.04
CA GLU A 27 -6.90 9.18 0.65
C GLU A 27 -7.37 8.35 -0.57
N LYS A 28 -7.40 7.02 -0.35
CA LYS A 28 -7.86 6.01 -1.31
C LYS A 28 -7.70 6.43 -2.79
N ASN A 29 -6.45 6.83 -3.10
CA ASN A 29 -6.18 7.44 -4.41
C ASN A 29 -5.68 6.40 -5.41
N GLU A 30 -5.09 5.32 -4.85
CA GLU A 30 -4.67 4.12 -5.59
C GLU A 30 -3.24 4.30 -6.13
N ASN A 31 -3.15 5.24 -7.10
CA ASN A 31 -1.88 5.58 -7.74
C ASN A 31 -0.91 6.22 -6.72
N LEU A 32 -1.52 6.78 -5.66
CA LEU A 32 -0.72 7.41 -4.61
C LEU A 32 -0.34 6.36 -3.57
N ALA A 33 -1.27 5.39 -3.41
CA ALA A 33 -1.07 4.34 -2.43
C ALA A 33 0.14 3.47 -2.77
N ALA A 34 0.23 3.11 -4.06
CA ALA A 34 1.39 2.39 -4.55
C ALA A 34 2.66 3.19 -4.24
N ASN A 35 2.62 4.48 -4.62
CA ASN A 35 3.77 5.33 -4.34
C ASN A 35 4.15 5.36 -2.85
N PHE A 36 3.12 5.33 -1.98
CA PHE A 36 3.35 5.33 -0.52
C PHE A 36 4.16 4.07 -0.09
N LEU A 37 3.66 2.92 -0.57
CA LEU A 37 4.17 1.63 -0.11
C LEU A 37 5.57 1.34 -0.69
N LEU A 38 5.80 1.90 -1.90
CA LEU A 38 7.04 1.65 -2.63
C LEU A 38 8.12 2.69 -2.22
N SER A 39 7.60 3.83 -1.72
CA SER A 39 8.44 4.91 -1.22
C SER A 39 9.04 4.56 0.15
N GLN A 40 8.25 3.80 0.92
CA GLN A 40 8.63 3.46 2.29
C GLN A 40 9.00 1.96 2.32
N ASN A 41 10.33 1.72 2.39
CA ASN A 41 10.85 0.36 2.44
C ASN A 41 10.73 -0.16 3.88
N PHE A 42 10.18 -1.39 3.99
CA PHE A 42 9.96 -2.03 5.28
C PHE A 42 9.43 -3.45 5.03
N ASP A 43 10.40 -4.40 4.92
CA ASP A 43 9.99 -5.80 4.75
C ASP A 43 11.11 -6.72 5.25
N ASP A 44 12.30 -6.58 4.61
CA ASP A 44 13.55 -7.31 4.92
C ASP A 44 13.34 -8.81 5.16
N GLU A 45 12.37 -9.35 4.40
CA GLU A 45 11.96 -10.75 4.47
C GLU A 45 11.48 -11.11 5.89
N GLN A 1 -14.92 -3.18 0.04
CA GLN A 1 -14.99 -2.19 -1.02
C GLN A 1 -13.58 -1.76 -1.47
N GLU A 2 -12.65 -1.86 -0.48
CA GLU A 2 -11.26 -1.51 -0.73
C GLU A 2 -10.33 -2.70 -0.56
N LYS A 3 -10.91 -3.81 -0.05
CA LYS A 3 -10.22 -5.10 0.14
C LYS A 3 -9.60 -5.66 -1.16
N GLU A 4 -10.09 -5.12 -2.29
CA GLU A 4 -9.60 -5.53 -3.61
C GLU A 4 -8.16 -5.06 -3.87
N ALA A 5 -7.94 -3.79 -3.43
CA ALA A 5 -6.59 -3.26 -3.54
C ALA A 5 -5.71 -3.84 -2.45
N ILE A 6 -6.30 -4.43 -1.39
CA ILE A 6 -5.46 -4.86 -0.26
C ILE A 6 -4.63 -6.08 -0.65
N GLU A 7 -5.27 -7.05 -1.33
CA GLU A 7 -4.53 -8.22 -1.82
C GLU A 7 -3.54 -7.87 -2.95
N ARG A 8 -3.76 -6.67 -3.55
CA ARG A 8 -2.91 -6.20 -4.63
C ARG A 8 -1.63 -5.56 -4.06
N LEU A 9 -1.88 -4.55 -3.19
CA LEU A 9 -0.89 -3.80 -2.40
C LEU A 9 0.02 -4.81 -1.66
N LYS A 10 -0.62 -5.78 -0.97
CA LYS A 10 0.11 -6.83 -0.26
C LYS A 10 0.93 -7.74 -1.21
N ALA A 11 0.33 -7.97 -2.40
CA ALA A 11 0.97 -8.85 -3.40
C ALA A 11 2.27 -8.25 -3.95
N LEU A 12 2.45 -6.92 -3.79
CA LEU A 12 3.69 -6.27 -4.20
C LEU A 12 4.83 -6.51 -3.17
N GLY A 13 4.54 -7.35 -2.13
CA GLY A 13 5.54 -7.73 -1.13
C GLY A 13 5.38 -6.95 0.19
N PHE A 14 4.14 -6.45 0.40
CA PHE A 14 3.83 -5.58 1.53
C PHE A 14 3.01 -6.38 2.56
N GLU A 15 2.08 -5.67 3.24
CA GLU A 15 1.26 -6.26 4.31
C GLU A 15 0.05 -5.36 4.53
N GLU A 16 -1.10 -6.03 4.77
CA GLU A 16 -2.43 -5.44 4.93
C GLU A 16 -2.47 -4.17 5.84
N SER A 17 -1.50 -4.08 6.78
CA SER A 17 -1.46 -2.96 7.70
C SER A 17 -0.79 -1.74 7.05
N LEU A 18 0.42 -1.99 6.47
CA LEU A 18 1.11 -0.90 5.78
C LEU A 18 0.33 -0.48 4.53
N VAL A 19 -0.53 -1.40 4.09
CA VAL A 19 -1.37 -1.32 2.91
C VAL A 19 -2.57 -0.41 3.17
N ILE A 20 -3.34 -0.82 4.19
CA ILE A 20 -4.56 -0.11 4.57
C ILE A 20 -4.25 1.33 4.94
N GLN A 21 -3.20 1.47 5.77
CA GLN A 21 -2.76 2.79 6.20
C GLN A 21 -2.15 3.60 5.03
N ALA A 22 -1.54 2.85 4.09
CA ALA A 22 -0.97 3.47 2.89
C ALA A 22 -2.04 3.84 1.86
N TYR A 23 -3.22 3.22 2.01
CA TYR A 23 -4.32 3.44 1.08
C TYR A 23 -5.25 4.49 1.67
N PHE A 24 -5.30 4.56 3.02
CA PHE A 24 -6.22 5.47 3.72
C PHE A 24 -5.57 6.85 3.90
N ALA A 25 -4.26 6.81 4.19
CA ALA A 25 -3.47 8.03 4.34
C ALA A 25 -3.29 8.72 2.97
N CYS A 26 -3.36 7.88 1.91
CA CYS A 26 -3.32 8.38 0.54
C CYS A 26 -4.69 8.86 0.03
N GLU A 27 -5.72 8.84 0.92
CA GLU A 27 -7.08 9.18 0.50
C GLU A 27 -7.58 8.21 -0.60
N LYS A 28 -7.59 6.93 -0.20
CA LYS A 28 -8.11 5.79 -0.97
C LYS A 28 -7.93 5.95 -2.50
N ASN A 29 -6.64 6.16 -2.89
CA ASN A 29 -6.28 6.50 -4.26
C ASN A 29 -5.72 5.23 -4.93
N GLU A 30 -4.88 5.39 -5.98
CA GLU A 30 -4.37 4.23 -6.71
C GLU A 30 -2.83 4.32 -6.82
N ASN A 31 -2.41 5.16 -7.79
CA ASN A 31 -0.98 5.39 -8.00
C ASN A 31 -0.33 6.06 -6.78
N LEU A 32 -1.20 6.68 -5.94
CA LEU A 32 -0.73 7.40 -4.76
C LEU A 32 -0.42 6.41 -3.63
N ALA A 33 -1.39 5.48 -3.47
CA ALA A 33 -1.25 4.41 -2.50
C ALA A 33 -0.01 3.57 -2.77
N ALA A 34 0.09 3.12 -4.04
CA ALA A 34 1.29 2.39 -4.47
C ALA A 34 2.54 3.20 -4.14
N ASN A 35 2.53 4.48 -4.54
CA ASN A 35 3.71 5.32 -4.28
C ASN A 35 4.11 5.36 -2.79
N PHE A 36 3.07 5.30 -1.91
CA PHE A 36 3.31 5.25 -0.46
C PHE A 36 4.16 4.03 -0.11
N LEU A 37 3.64 2.84 -0.48
CA LEU A 37 4.23 1.59 -0.03
C LEU A 37 5.62 1.32 -0.65
N LEU A 38 5.77 1.82 -1.91
CA LEU A 38 6.97 1.59 -2.70
C LEU A 38 8.11 2.53 -2.24
N SER A 39 7.66 3.67 -1.67
CA SER A 39 8.54 4.68 -1.10
C SER A 39 9.15 4.24 0.24
N GLN A 40 8.54 3.20 0.85
CA GLN A 40 9.06 2.67 2.12
C GLN A 40 10.23 1.73 1.80
N ASN A 41 11.45 2.30 1.99
CA ASN A 41 12.67 1.55 1.70
C ASN A 41 12.83 0.48 2.80
N PHE A 42 13.00 -0.78 2.31
CA PHE A 42 13.16 -1.92 3.20
C PHE A 42 13.35 -3.19 2.34
N ASP A 43 14.02 -4.16 3.00
CA ASP A 43 14.23 -5.48 2.44
C ASP A 43 15.13 -5.41 1.20
N ASP A 44 16.45 -5.42 1.50
CA ASP A 44 17.49 -5.35 0.47
C ASP A 44 18.07 -6.76 0.26
N GLU A 45 17.17 -7.64 -0.25
CA GLU A 45 17.56 -9.01 -0.63
C GLU A 45 18.52 -9.02 -1.86
N GLN A 1 -14.80 -0.87 1.07
CA GLN A 1 -14.04 -1.95 1.69
C GLN A 1 -12.55 -1.82 1.34
N GLU A 2 -12.35 -1.77 0.01
CA GLU A 2 -11.06 -1.61 -0.66
C GLU A 2 -10.24 -2.89 -0.74
N LYS A 3 -10.76 -4.00 -0.13
CA LYS A 3 -10.14 -5.33 -0.09
C LYS A 3 -9.50 -5.81 -1.40
N GLU A 4 -10.06 -5.26 -2.51
CA GLU A 4 -9.57 -5.53 -3.86
C GLU A 4 -8.12 -5.04 -4.05
N ALA A 5 -7.92 -3.77 -3.67
CA ALA A 5 -6.57 -3.23 -3.70
C ALA A 5 -5.74 -3.81 -2.55
N ILE A 6 -6.39 -4.35 -1.51
CA ILE A 6 -5.61 -4.83 -0.36
C ILE A 6 -4.76 -6.05 -0.71
N GLU A 7 -5.36 -6.97 -1.47
CA GLU A 7 -4.61 -8.16 -1.89
C GLU A 7 -3.53 -7.82 -2.95
N ARG A 8 -3.71 -6.63 -3.57
CA ARG A 8 -2.79 -6.14 -4.60
C ARG A 8 -1.57 -5.51 -3.94
N LEU A 9 -1.87 -4.51 -3.09
CA LEU A 9 -0.95 -3.77 -2.22
C LEU A 9 -0.04 -4.77 -1.47
N LYS A 10 -0.70 -5.78 -0.84
CA LYS A 10 0.04 -6.85 -0.15
C LYS A 10 0.87 -7.73 -1.10
N ALA A 11 0.30 -7.95 -2.32
CA ALA A 11 0.95 -8.79 -3.32
C ALA A 11 2.26 -8.19 -3.85
N LEU A 12 2.42 -6.86 -3.66
CA LEU A 12 3.66 -6.20 -4.04
C LEU A 12 4.81 -6.49 -3.02
N GLY A 13 4.51 -7.35 -2.01
CA GLY A 13 5.51 -7.79 -1.02
C GLY A 13 5.37 -7.05 0.32
N PHE A 14 4.13 -6.55 0.55
CA PHE A 14 3.84 -5.69 1.70
C PHE A 14 2.96 -6.49 2.70
N GLU A 15 2.05 -5.77 3.38
CA GLU A 15 1.23 -6.38 4.43
C GLU A 15 0.04 -5.44 4.71
N GLU A 16 -1.12 -6.11 4.94
CA GLU A 16 -2.45 -5.53 5.16
C GLU A 16 -2.47 -4.24 6.02
N SER A 17 -1.50 -4.14 6.95
CA SER A 17 -1.45 -3.00 7.85
C SER A 17 -0.79 -1.78 7.17
N LEU A 18 0.41 -2.02 6.59
CA LEU A 18 1.09 -0.94 5.88
C LEU A 18 0.30 -0.52 4.64
N VAL A 19 -0.53 -1.47 4.18
CA VAL A 19 -1.37 -1.41 2.99
C VAL A 19 -2.58 -0.50 3.23
N ILE A 20 -3.33 -0.86 4.29
CA ILE A 20 -4.53 -0.11 4.66
C ILE A 20 -4.19 1.33 4.98
N GLN A 21 -3.12 1.47 5.78
CA GLN A 21 -2.67 2.80 6.18
C GLN A 21 -2.06 3.56 4.98
N ALA A 22 -1.48 2.78 4.04
CA ALA A 22 -0.93 3.36 2.81
C ALA A 22 -2.00 3.68 1.76
N TYR A 23 -3.22 3.15 2.00
CA TYR A 23 -4.33 3.38 1.07
C TYR A 23 -5.26 4.44 1.66
N PHE A 24 -5.30 4.50 3.01
CA PHE A 24 -6.23 5.38 3.71
C PHE A 24 -5.59 6.78 3.89
N ALA A 25 -4.28 6.74 4.20
CA ALA A 25 -3.49 7.97 4.35
C ALA A 25 -3.27 8.64 2.97
N CYS A 26 -3.31 7.77 1.94
CA CYS A 26 -3.23 8.23 0.55
C CYS A 26 -4.58 8.72 0.00
N GLU A 27 -5.62 8.74 0.88
CA GLU A 27 -6.96 9.11 0.45
C GLU A 27 -7.48 8.19 -0.68
N LYS A 28 -7.55 6.90 -0.28
CA LYS A 28 -8.07 5.75 -1.01
C LYS A 28 -7.93 5.90 -2.54
N ASN A 29 -6.66 6.07 -2.95
CA ASN A 29 -6.34 6.40 -4.33
C ASN A 29 -5.77 5.15 -5.00
N GLU A 30 -4.87 5.31 -5.98
CA GLU A 30 -4.33 4.14 -6.69
C GLU A 30 -2.82 4.26 -6.84
N ASN A 31 -2.44 5.12 -7.82
CA ASN A 31 -1.03 5.40 -8.06
C ASN A 31 -0.37 6.06 -6.83
N LEU A 32 -1.22 6.65 -5.97
CA LEU A 32 -0.73 7.36 -4.79
C LEU A 32 -0.40 6.37 -3.68
N ALA A 33 -1.34 5.41 -3.53
CA ALA A 33 -1.19 4.34 -2.55
C ALA A 33 0.05 3.50 -2.82
N ALA A 34 0.16 3.10 -4.11
CA ALA A 34 1.35 2.36 -4.53
C ALA A 34 2.60 3.18 -4.22
N ASN A 35 2.55 4.48 -4.61
CA ASN A 35 3.71 5.33 -4.36
C ASN A 35 4.08 5.40 -2.87
N PHE A 36 3.05 5.33 -2.00
CA PHE A 36 3.28 5.32 -0.54
C PHE A 36 4.13 4.09 -0.16
N LEU A 37 3.61 2.90 -0.55
CA LEU A 37 4.18 1.65 -0.09
C LEU A 37 5.58 1.38 -0.69
N LEU A 38 5.78 1.92 -1.92
CA LEU A 38 7.00 1.67 -2.67
C LEU A 38 8.08 2.70 -2.27
N SER A 39 7.55 3.86 -1.78
CA SER A 39 8.39 4.96 -1.33
C SER A 39 8.95 4.73 0.06
N GLN A 40 8.26 3.87 0.86
CA GLN A 40 8.70 3.55 2.22
C GLN A 40 10.18 3.11 2.24
N ASN A 41 11.01 4.12 2.62
CA ASN A 41 12.46 3.93 2.60
C ASN A 41 12.85 2.92 3.70
N PHE A 42 13.67 1.95 3.28
CA PHE A 42 14.04 0.84 4.15
C PHE A 42 15.07 -0.04 3.43
N ASP A 43 16.37 0.27 3.68
CA ASP A 43 17.46 -0.53 3.13
C ASP A 43 18.80 0.05 3.62
N ASP A 44 19.68 -0.87 4.07
CA ASP A 44 21.01 -0.49 4.52
C ASP A 44 21.82 -1.76 4.85
N GLU A 45 22.56 -2.22 3.82
CA GLU A 45 23.44 -3.39 3.92
C GLU A 45 24.89 -3.02 3.58
N GLN A 1 -13.56 0.58 1.73
CA GLN A 1 -14.07 0.39 0.39
C GLN A 1 -12.92 0.30 -0.65
N GLU A 2 -12.05 -0.70 -0.42
CA GLU A 2 -10.88 -0.88 -1.29
C GLU A 2 -10.11 -2.16 -0.92
N LYS A 3 -10.87 -3.15 -0.41
CA LYS A 3 -10.32 -4.44 -0.01
C LYS A 3 -9.66 -5.22 -1.17
N GLU A 4 -10.08 -4.83 -2.40
CA GLU A 4 -9.53 -5.41 -3.62
C GLU A 4 -8.06 -5.00 -3.82
N ALA A 5 -7.81 -3.74 -3.41
CA ALA A 5 -6.44 -3.26 -3.45
C ALA A 5 -5.62 -3.86 -2.31
N ILE A 6 -6.28 -4.44 -1.30
CA ILE A 6 -5.52 -4.95 -0.15
C ILE A 6 -4.75 -6.23 -0.51
N GLU A 7 -5.29 -6.98 -1.47
CA GLU A 7 -4.59 -8.17 -1.95
C GLU A 7 -3.56 -7.82 -3.04
N ARG A 8 -3.70 -6.60 -3.58
CA ARG A 8 -2.86 -6.12 -4.65
C ARG A 8 -1.58 -5.50 -4.08
N LEU A 9 -1.83 -4.52 -3.19
CA LEU A 9 -0.85 -3.81 -2.38
C LEU A 9 0.03 -4.83 -1.62
N LYS A 10 -0.65 -5.78 -0.95
CA LYS A 10 0.10 -6.84 -0.25
C LYS A 10 0.91 -7.74 -1.21
N ALA A 11 0.32 -7.95 -2.41
CA ALA A 11 0.96 -8.82 -3.41
C ALA A 11 2.30 -8.25 -3.92
N LEU A 12 2.47 -6.92 -3.74
CA LEU A 12 3.74 -6.29 -4.10
C LEU A 12 4.85 -6.56 -3.05
N GLY A 13 4.52 -7.41 -2.04
CA GLY A 13 5.47 -7.81 -1.00
C GLY A 13 5.20 -7.11 0.36
N PHE A 14 4.00 -6.49 0.46
CA PHE A 14 3.71 -5.65 1.61
C PHE A 14 2.85 -6.45 2.61
N GLU A 15 1.95 -5.72 3.30
CA GLU A 15 1.13 -6.32 4.34
C GLU A 15 -0.07 -5.40 4.56
N GLU A 16 -1.24 -6.05 4.76
CA GLU A 16 -2.55 -5.43 4.91
C GLU A 16 -2.58 -4.18 5.84
N SER A 17 -1.61 -4.12 6.76
CA SER A 17 -1.54 -3.01 7.69
C SER A 17 -0.88 -1.80 7.04
N LEU A 18 0.33 -2.02 6.49
CA LEU A 18 1.04 -0.91 5.83
C LEU A 18 0.31 -0.47 4.56
N VAL A 19 -0.55 -1.39 4.08
CA VAL A 19 -1.38 -1.30 2.90
C VAL A 19 -2.61 -0.43 3.16
N ILE A 20 -3.38 -0.84 4.19
CA ILE A 20 -4.60 -0.13 4.58
C ILE A 20 -4.26 1.32 4.90
N GLN A 21 -3.26 1.47 5.79
CA GLN A 21 -2.80 2.80 6.17
C GLN A 21 -2.14 3.54 5.00
N ALA A 22 -1.59 2.79 4.02
CA ALA A 22 -1.01 3.43 2.83
C ALA A 22 -2.05 3.82 1.78
N TYR A 23 -3.26 3.23 1.92
CA TYR A 23 -4.34 3.50 0.97
C TYR A 23 -5.33 4.48 1.59
N PHE A 24 -5.33 4.55 2.93
CA PHE A 24 -6.25 5.43 3.65
C PHE A 24 -5.58 6.79 3.92
N ALA A 25 -4.27 6.70 4.24
CA ALA A 25 -3.48 7.91 4.48
C ALA A 25 -3.24 8.68 3.16
N CYS A 26 -3.27 7.89 2.06
CA CYS A 26 -3.16 8.48 0.73
C CYS A 26 -4.51 9.00 0.20
N GLU A 27 -5.56 8.94 1.06
CA GLU A 27 -6.91 9.30 0.66
C GLU A 27 -7.38 8.47 -0.56
N LYS A 28 -7.37 7.15 -0.33
CA LYS A 28 -7.89 6.10 -1.21
C LYS A 28 -7.77 6.45 -2.72
N ASN A 29 -6.52 6.85 -3.08
CA ASN A 29 -6.26 7.45 -4.39
C ASN A 29 -5.77 6.41 -5.40
N GLU A 30 -5.14 5.35 -4.82
CA GLU A 30 -4.72 4.16 -5.55
C GLU A 30 -3.30 4.31 -6.10
N ASN A 31 -3.20 5.24 -7.07
CA ASN A 31 -1.93 5.58 -7.70
C ASN A 31 -0.97 6.21 -6.68
N LEU A 32 -1.59 6.78 -5.61
CA LEU A 32 -0.78 7.42 -4.57
C LEU A 32 -0.39 6.38 -3.52
N ALA A 33 -1.32 5.42 -3.33
CA ALA A 33 -1.10 4.37 -2.33
C ALA A 33 0.10 3.49 -2.68
N ALA A 34 0.15 3.14 -3.99
CA ALA A 34 1.32 2.42 -4.48
C ALA A 34 2.59 3.23 -4.20
N ASN A 35 2.52 4.53 -4.54
CA ASN A 35 3.67 5.38 -4.29
C ASN A 35 4.10 5.40 -2.81
N PHE A 36 3.10 5.31 -1.90
CA PHE A 36 3.38 5.26 -0.46
C PHE A 36 4.20 4.00 -0.09
N LEU A 37 3.68 2.86 -0.57
CA LEU A 37 4.20 1.55 -0.15
C LEU A 37 5.58 1.27 -0.79
N LEU A 38 5.78 1.85 -1.98
CA LEU A 38 6.98 1.62 -2.78
C LEU A 38 8.09 2.62 -2.38
N SER A 39 7.59 3.78 -1.86
CA SER A 39 8.47 4.83 -1.38
C SER A 39 9.01 4.49 0.02
N GLN A 40 8.35 3.49 0.66
CA GLN A 40 8.80 3.05 1.97
C GLN A 40 10.07 2.19 1.82
N ASN A 41 10.43 1.55 2.96
CA ASN A 41 11.64 0.75 3.07
C ASN A 41 11.20 -0.73 3.14
N PHE A 42 11.77 -1.52 2.19
CA PHE A 42 11.42 -2.93 2.01
C PHE A 42 12.15 -3.45 0.76
N ASP A 43 12.29 -4.81 0.72
CA ASP A 43 12.87 -5.49 -0.44
C ASP A 43 11.75 -5.87 -1.44
N ASP A 44 11.32 -4.84 -2.21
CA ASP A 44 10.29 -5.08 -3.22
C ASP A 44 10.87 -5.63 -4.54
N GLU A 45 12.19 -5.91 -4.52
CA GLU A 45 12.92 -6.34 -5.72
C GLU A 45 14.38 -6.63 -5.32
N GLN A 1 -14.78 -3.35 2.52
CA GLN A 1 -14.52 -2.39 1.45
C GLN A 1 -13.02 -2.11 1.40
N GLU A 2 -12.57 -1.94 0.14
CA GLU A 2 -11.20 -1.57 -0.19
C GLU A 2 -10.25 -2.77 -0.25
N LYS A 3 -10.75 -3.93 0.26
CA LYS A 3 -10.05 -5.21 0.32
C LYS A 3 -9.45 -5.68 -1.02
N GLU A 4 -10.02 -5.11 -2.10
CA GLU A 4 -9.64 -5.43 -3.47
C GLU A 4 -8.20 -4.96 -3.75
N ALA A 5 -7.97 -3.70 -3.31
CA ALA A 5 -6.63 -3.19 -3.39
C ALA A 5 -5.75 -3.78 -2.30
N ILE A 6 -6.35 -4.33 -1.22
CA ILE A 6 -5.51 -4.80 -0.11
C ILE A 6 -4.68 -6.01 -0.53
N GLU A 7 -5.32 -6.94 -1.27
CA GLU A 7 -4.59 -8.10 -1.77
C GLU A 7 -3.58 -7.74 -2.89
N ARG A 8 -3.80 -6.55 -3.48
CA ARG A 8 -2.97 -6.07 -4.58
C ARG A 8 -1.68 -5.46 -4.03
N LEU A 9 -1.91 -4.45 -3.14
CA LEU A 9 -0.93 -3.73 -2.34
C LEU A 9 0.00 -4.76 -1.62
N LYS A 10 -0.63 -5.74 -0.97
CA LYS A 10 0.12 -6.81 -0.29
C LYS A 10 0.92 -7.69 -1.27
N ALA A 11 0.32 -7.89 -2.47
CA ALA A 11 0.93 -8.74 -3.48
C ALA A 11 2.24 -8.14 -4.04
N LEU A 12 2.42 -6.81 -3.85
CA LEU A 12 3.67 -6.16 -4.25
C LEU A 12 4.81 -6.42 -3.23
N GLY A 13 4.53 -7.28 -2.21
CA GLY A 13 5.54 -7.71 -1.23
C GLY A 13 5.42 -6.96 0.10
N PHE A 14 4.18 -6.48 0.37
CA PHE A 14 3.91 -5.62 1.53
C PHE A 14 3.07 -6.43 2.55
N GLU A 15 2.17 -5.71 3.25
CA GLU A 15 1.37 -6.31 4.31
C GLU A 15 0.17 -5.41 4.62
N GLU A 16 -0.97 -6.09 4.87
CA GLU A 16 -2.30 -5.50 5.03
C GLU A 16 -2.35 -4.23 5.93
N SER A 17 -1.38 -4.14 6.86
CA SER A 17 -1.32 -2.99 7.75
C SER A 17 -0.71 -1.78 7.05
N LEU A 18 0.50 -1.98 6.45
CA LEU A 18 1.16 -0.87 5.76
C LEU A 18 0.38 -0.45 4.51
N VAL A 19 -0.43 -1.41 4.05
CA VAL A 19 -1.31 -1.35 2.89
C VAL A 19 -2.52 -0.46 3.16
N ILE A 20 -3.24 -0.85 4.23
CA ILE A 20 -4.43 -0.09 4.63
C ILE A 20 -4.07 1.35 4.89
N GLN A 21 -3.03 1.54 5.73
CA GLN A 21 -2.59 2.88 6.08
C GLN A 21 -2.01 3.64 4.87
N ALA A 22 -1.50 2.86 3.89
CA ALA A 22 -0.97 3.45 2.65
C ALA A 22 -2.07 3.78 1.65
N TYR A 23 -3.27 3.21 1.88
CA TYR A 23 -4.40 3.42 0.99
C TYR A 23 -5.38 4.42 1.61
N PHE A 24 -5.39 4.44 2.96
CA PHE A 24 -6.36 5.21 3.76
C PHE A 24 -5.83 6.63 3.98
N ALA A 25 -4.50 6.67 4.28
CA ALA A 25 -3.81 7.95 4.43
C ALA A 25 -3.64 8.63 3.06
N CYS A 26 -3.63 7.77 2.02
CA CYS A 26 -3.59 8.23 0.63
C CYS A 26 -4.96 8.72 0.12
N GLU A 27 -6.00 8.65 0.98
CA GLU A 27 -7.37 9.01 0.61
C GLU A 27 -7.90 8.07 -0.50
N LYS A 28 -7.95 6.77 -0.12
CA LYS A 28 -8.51 5.68 -0.91
C LYS A 28 -8.19 5.79 -2.42
N ASN A 29 -6.91 6.17 -2.67
CA ASN A 29 -6.47 6.48 -4.03
C ASN A 29 -5.90 5.20 -4.65
N GLU A 30 -4.95 5.30 -5.59
CA GLU A 30 -4.45 4.08 -6.26
C GLU A 30 -2.95 4.24 -6.51
N ASN A 31 -2.66 5.15 -7.48
CA ASN A 31 -1.29 5.47 -7.85
C ASN A 31 -0.53 6.10 -6.67
N LEU A 32 -1.33 6.69 -5.75
CA LEU A 32 -0.73 7.34 -4.58
C LEU A 32 -0.32 6.26 -3.57
N ALA A 33 -1.26 5.29 -3.42
CA ALA A 33 -1.05 4.23 -2.43
C ALA A 33 0.16 3.39 -2.76
N ALA A 34 0.25 3.02 -4.07
CA ALA A 34 1.44 2.34 -4.55
C ALA A 34 2.68 3.19 -4.24
N ASN A 35 2.61 4.48 -4.58
CA ASN A 35 3.75 5.35 -4.30
C ASN A 35 4.15 5.34 -2.80
N PHE A 36 3.14 5.23 -1.91
CA PHE A 36 3.39 5.19 -0.46
C PHE A 36 4.22 3.93 -0.11
N LEU A 37 3.67 2.76 -0.57
CA LEU A 37 4.21 1.46 -0.17
C LEU A 37 5.53 1.13 -0.89
N LEU A 38 5.83 1.89 -1.95
CA LEU A 38 7.06 1.69 -2.71
C LEU A 38 8.13 2.67 -2.18
N SER A 39 7.60 3.78 -1.62
CA SER A 39 8.38 4.86 -1.03
C SER A 39 8.35 4.82 0.51
N GLN A 40 8.05 3.60 1.06
CA GLN A 40 7.99 3.34 2.51
C GLN A 40 9.07 4.12 3.28
N ASN A 41 8.59 5.22 3.90
CA ASN A 41 9.48 6.17 4.56
C ASN A 41 10.26 5.46 5.69
N PHE A 42 11.60 5.71 5.64
CA PHE A 42 12.52 5.01 6.52
C PHE A 42 13.90 5.69 6.42
N ASP A 43 13.89 6.98 6.79
CA ASP A 43 15.15 7.71 6.80
C ASP A 43 14.99 9.00 7.60
N ASP A 44 15.93 9.94 7.35
CA ASP A 44 15.98 11.23 8.02
C ASP A 44 15.34 12.30 7.12
N GLU A 45 14.12 11.95 6.63
CA GLU A 45 13.34 12.88 5.81
C GLU A 45 11.83 12.77 6.15
N GLN A 1 -15.81 -0.36 -0.50
CA GLN A 1 -14.75 -1.21 0.03
C GLN A 1 -13.46 -1.05 -0.78
N GLU A 2 -12.34 -1.29 -0.07
CA GLU A 2 -11.00 -1.16 -0.65
C GLU A 2 -10.20 -2.47 -0.53
N LYS A 3 -10.82 -3.49 0.11
CA LYS A 3 -10.20 -4.82 0.34
C LYS A 3 -9.63 -5.46 -0.95
N GLU A 4 -10.18 -5.01 -2.10
CA GLU A 4 -9.70 -5.43 -3.41
C GLU A 4 -8.25 -5.01 -3.65
N ALA A 5 -8.03 -3.71 -3.39
CA ALA A 5 -6.67 -3.21 -3.54
C ALA A 5 -5.78 -3.74 -2.42
N ILE A 6 -6.37 -4.22 -1.32
CA ILE A 6 -5.55 -4.65 -0.18
C ILE A 6 -4.68 -5.86 -0.53
N GLU A 7 -5.30 -6.85 -1.19
CA GLU A 7 -4.53 -8.04 -1.59
C GLU A 7 -3.52 -7.72 -2.70
N ARG A 8 -3.77 -6.58 -3.38
CA ARG A 8 -2.95 -6.14 -4.50
C ARG A 8 -1.67 -5.48 -3.99
N LEU A 9 -1.92 -4.48 -3.13
CA LEU A 9 -0.95 -3.72 -2.35
C LEU A 9 -0.04 -4.73 -1.60
N LYS A 10 -0.68 -5.73 -0.99
CA LYS A 10 0.05 -6.79 -0.29
C LYS A 10 0.86 -7.70 -1.25
N ALA A 11 0.26 -7.90 -2.45
CA ALA A 11 0.87 -8.77 -3.47
C ALA A 11 2.18 -8.18 -4.04
N LEU A 12 2.37 -6.85 -3.83
CA LEU A 12 3.61 -6.21 -4.23
C LEU A 12 4.76 -6.52 -3.23
N GLY A 13 4.48 -7.38 -2.22
CA GLY A 13 5.48 -7.83 -1.25
C GLY A 13 5.40 -7.08 0.09
N PHE A 14 4.18 -6.56 0.37
CA PHE A 14 3.96 -5.68 1.51
C PHE A 14 3.16 -6.43 2.59
N GLU A 15 2.25 -5.69 3.27
CA GLU A 15 1.43 -6.27 4.33
C GLU A 15 0.19 -5.40 4.51
N GLU A 16 -0.97 -6.08 4.67
CA GLU A 16 -2.30 -5.50 4.78
C GLU A 16 -2.38 -4.28 5.75
N SER A 17 -1.43 -4.22 6.69
CA SER A 17 -1.37 -3.11 7.63
C SER A 17 -0.72 -1.86 6.99
N LEU A 18 0.49 -2.07 6.43
CA LEU A 18 1.15 -0.95 5.75
C LEU A 18 0.37 -0.54 4.49
N VAL A 19 -0.45 -1.49 4.03
CA VAL A 19 -1.31 -1.41 2.87
C VAL A 19 -2.51 -0.49 3.13
N ILE A 20 -3.21 -0.84 4.23
CA ILE A 20 -4.38 -0.07 4.63
C ILE A 20 -3.97 1.35 4.91
N GLN A 21 -2.99 1.50 5.81
CA GLN A 21 -2.51 2.84 6.18
C GLN A 21 -1.89 3.60 4.97
N ALA A 22 -1.54 2.83 3.92
CA ALA A 22 -1.02 3.42 2.68
C ALA A 22 -2.12 3.71 1.66
N TYR A 23 -3.29 3.11 1.88
CA TYR A 23 -4.44 3.25 0.98
C TYR A 23 -5.55 4.07 1.64
N PHE A 24 -5.38 4.39 2.95
CA PHE A 24 -6.36 5.15 3.72
C PHE A 24 -5.84 6.58 3.93
N ALA A 25 -4.52 6.62 4.22
CA ALA A 25 -3.83 7.89 4.39
C ALA A 25 -3.66 8.60 3.04
N CYS A 26 -3.62 7.76 1.99
CA CYS A 26 -3.58 8.26 0.61
C CYS A 26 -4.98 8.61 0.07
N GLU A 27 -6.01 8.50 0.96
CA GLU A 27 -7.38 8.74 0.52
C GLU A 27 -7.77 7.82 -0.67
N LYS A 28 -7.71 6.50 -0.37
CA LYS A 28 -8.15 5.42 -1.25
C LYS A 28 -7.91 5.72 -2.75
N ASN A 29 -6.61 5.96 -3.03
CA ASN A 29 -6.19 6.35 -4.38
C ASN A 29 -5.55 5.12 -5.03
N GLU A 30 -4.74 5.35 -6.09
CA GLU A 30 -4.10 4.24 -6.80
C GLU A 30 -2.60 4.44 -6.85
N ASN A 31 -2.22 5.36 -7.77
CA ASN A 31 -0.81 5.70 -7.95
C ASN A 31 -0.21 6.27 -6.67
N LEU A 32 -1.11 6.79 -5.80
CA LEU A 32 -0.66 7.42 -4.56
C LEU A 32 -0.30 6.34 -3.53
N ALA A 33 -1.21 5.34 -3.45
CA ALA A 33 -1.04 4.28 -2.47
C ALA A 33 0.20 3.44 -2.78
N ALA A 34 0.31 3.10 -4.08
CA ALA A 34 1.51 2.43 -4.56
C ALA A 34 2.76 3.26 -4.22
N ASN A 35 2.69 4.57 -4.54
CA ASN A 35 3.84 5.41 -4.23
C ASN A 35 4.21 5.40 -2.73
N PHE A 36 3.17 5.28 -1.88
CA PHE A 36 3.37 5.24 -0.43
C PHE A 36 4.20 3.98 -0.05
N LEU A 37 3.70 2.83 -0.55
CA LEU A 37 4.23 1.54 -0.11
C LEU A 37 5.63 1.27 -0.70
N LEU A 38 5.85 1.84 -1.91
CA LEU A 38 7.09 1.62 -2.65
C LEU A 38 8.19 2.59 -2.17
N SER A 39 7.69 3.74 -1.64
CA SER A 39 8.55 4.79 -1.12
C SER A 39 9.12 4.42 0.26
N GLN A 40 8.32 3.59 0.99
CA GLN A 40 8.74 3.07 2.28
C GLN A 40 9.62 1.81 2.08
N ASN A 41 10.87 2.08 1.62
CA ASN A 41 11.93 1.08 1.48
C ASN A 41 12.03 0.17 2.71
N PHE A 42 11.98 -1.15 2.38
CA PHE A 42 11.91 -2.22 3.37
C PHE A 42 11.95 -3.58 2.65
N ASP A 43 12.57 -4.54 3.36
CA ASP A 43 12.71 -5.92 2.89
C ASP A 43 11.81 -6.82 3.74
N ASP A 44 11.25 -7.86 3.08
CA ASP A 44 10.33 -8.81 3.70
C ASP A 44 10.79 -9.26 5.11
N GLU A 45 12.04 -9.76 5.12
CA GLU A 45 12.67 -10.20 6.38
C GLU A 45 14.00 -9.45 6.60
N GLN A 1 -15.22 -0.41 0.29
CA GLN A 1 -14.85 -1.67 -0.35
C GLN A 1 -13.51 -1.54 -1.10
N GLU A 2 -12.47 -1.30 -0.30
CA GLU A 2 -11.13 -1.12 -0.83
C GLU A 2 -10.28 -2.39 -0.67
N LYS A 3 -10.97 -3.50 -0.24
CA LYS A 3 -10.27 -4.73 0.12
C LYS A 3 -9.60 -5.42 -1.10
N GLU A 4 -10.09 -4.99 -2.29
CA GLU A 4 -9.57 -5.43 -3.58
C GLU A 4 -8.14 -4.95 -3.80
N ALA A 5 -7.94 -3.68 -3.41
CA ALA A 5 -6.59 -3.17 -3.49
C ALA A 5 -5.72 -3.74 -2.38
N ILE A 6 -6.33 -4.31 -1.32
CA ILE A 6 -5.51 -4.70 -0.18
C ILE A 6 -4.59 -5.86 -0.54
N GLU A 7 -5.18 -6.89 -1.16
CA GLU A 7 -4.43 -8.06 -1.60
C GLU A 7 -3.50 -7.74 -2.79
N ARG A 8 -3.77 -6.57 -3.41
CA ARG A 8 -2.97 -6.09 -4.53
C ARG A 8 -1.67 -5.45 -4.02
N LEU A 9 -1.88 -4.47 -3.11
CA LEU A 9 -0.86 -3.73 -2.38
C LEU A 9 0.05 -4.75 -1.64
N LYS A 10 -0.61 -5.73 -1.00
CA LYS A 10 0.11 -6.81 -0.32
C LYS A 10 0.91 -7.71 -1.29
N ALA A 11 0.32 -7.89 -2.50
CA ALA A 11 0.94 -8.75 -3.52
C ALA A 11 2.27 -8.18 -4.06
N LEU A 12 2.46 -6.86 -3.84
CA LEU A 12 3.73 -6.23 -4.22
C LEU A 12 4.86 -6.53 -3.18
N GLY A 13 4.53 -7.38 -2.17
CA GLY A 13 5.51 -7.83 -1.17
C GLY A 13 5.40 -7.08 0.15
N PHE A 14 4.17 -6.54 0.40
CA PHE A 14 3.94 -5.65 1.54
C PHE A 14 3.13 -6.41 2.63
N GLU A 15 2.21 -5.68 3.29
CA GLU A 15 1.38 -6.25 4.35
C GLU A 15 0.12 -5.41 4.49
N GLU A 16 -1.02 -6.12 4.63
CA GLU A 16 -2.36 -5.56 4.72
C GLU A 16 -2.51 -4.36 5.70
N SER A 17 -1.56 -4.27 6.67
CA SER A 17 -1.55 -3.16 7.61
C SER A 17 -0.90 -1.91 6.99
N LEU A 18 0.34 -2.10 6.44
CA LEU A 18 1.00 -0.97 5.78
C LEU A 18 0.26 -0.54 4.51
N VAL A 19 -0.55 -1.50 4.02
CA VAL A 19 -1.40 -1.38 2.86
C VAL A 19 -2.60 -0.48 3.16
N ILE A 20 -3.36 -0.90 4.20
CA ILE A 20 -4.56 -0.18 4.60
C ILE A 20 -4.26 1.27 4.95
N GLN A 21 -3.23 1.43 5.81
CA GLN A 21 -2.80 2.76 6.22
C GLN A 21 -2.18 3.55 5.05
N ALA A 22 -1.59 2.80 4.08
CA ALA A 22 -1.04 3.43 2.88
C ALA A 22 -2.12 3.77 1.84
N TYR A 23 -3.31 3.15 2.03
CA TYR A 23 -4.42 3.35 1.11
C TYR A 23 -5.38 4.37 1.69
N PHE A 24 -5.38 4.48 3.05
CA PHE A 24 -6.32 5.34 3.75
C PHE A 24 -5.70 6.74 3.93
N ALA A 25 -4.38 6.72 4.23
CA ALA A 25 -3.62 7.95 4.36
C ALA A 25 -3.46 8.65 2.99
N CYS A 26 -3.50 7.80 1.93
CA CYS A 26 -3.45 8.28 0.56
C CYS A 26 -4.83 8.74 0.03
N GLU A 27 -5.86 8.72 0.92
CA GLU A 27 -7.23 9.03 0.51
C GLU A 27 -7.71 8.10 -0.62
N LYS A 28 -7.68 6.80 -0.25
CA LYS A 28 -8.19 5.65 -1.00
C LYS A 28 -8.03 5.83 -2.53
N ASN A 29 -6.75 6.06 -2.90
CA ASN A 29 -6.41 6.40 -4.28
C ASN A 29 -5.82 5.13 -4.93
N GLU A 30 -4.83 5.31 -5.83
CA GLU A 30 -4.29 4.16 -6.57
C GLU A 30 -2.78 4.33 -6.75
N ASN A 31 -2.46 5.24 -7.69
CA ASN A 31 -1.06 5.58 -7.97
C ASN A 31 -0.38 6.19 -6.74
N LEU A 32 -1.23 6.74 -5.82
CA LEU A 32 -0.71 7.38 -4.63
C LEU A 32 -0.30 6.32 -3.60
N ALA A 33 -1.25 5.36 -3.44
CA ALA A 33 -1.06 4.26 -2.51
C ALA A 33 0.17 3.43 -2.85
N ALA A 34 0.28 3.08 -4.15
CA ALA A 34 1.45 2.38 -4.62
C ALA A 34 2.71 3.20 -4.31
N ASN A 35 2.63 4.51 -4.65
CA ASN A 35 3.79 5.36 -4.35
C ASN A 35 4.17 5.34 -2.85
N PHE A 36 3.15 5.28 -1.99
CA PHE A 36 3.38 5.19 -0.54
C PHE A 36 4.17 3.91 -0.19
N LEU A 37 3.64 2.76 -0.65
CA LEU A 37 4.19 1.50 -0.20
C LEU A 37 5.61 1.23 -0.77
N LEU A 38 5.83 1.84 -1.97
CA LEU A 38 7.08 1.63 -2.71
C LEU A 38 8.15 2.64 -2.24
N SER A 39 7.64 3.79 -1.73
CA SER A 39 8.49 4.88 -1.23
C SER A 39 9.08 4.53 0.14
N GLN A 40 8.27 3.78 0.92
CA GLN A 40 8.65 3.40 2.27
C GLN A 40 9.76 2.32 2.18
N ASN A 41 11.00 2.84 2.34
CA ASN A 41 12.24 2.05 2.29
C ASN A 41 12.20 0.95 3.36
N PHE A 42 12.57 -0.25 2.89
CA PHE A 42 12.44 -1.46 3.73
C PHE A 42 12.99 -2.65 2.94
N ASP A 43 13.87 -3.39 3.66
CA ASP A 43 14.47 -4.64 3.19
C ASP A 43 15.38 -4.43 1.96
N ASP A 44 15.70 -3.14 1.73
CA ASP A 44 16.39 -2.64 0.54
C ASP A 44 16.37 -1.11 0.60
N GLU A 45 17.59 -0.55 0.81
CA GLU A 45 17.79 0.89 0.86
C GLU A 45 17.18 1.60 -0.37
N GLN A 1 -15.29 -2.90 0.00
CA GLN A 1 -14.91 -1.48 0.06
C GLN A 1 -13.60 -1.29 -0.70
N GLU A 2 -12.53 -1.74 -0.01
CA GLU A 2 -11.19 -1.51 -0.52
C GLU A 2 -10.27 -2.71 -0.35
N LYS A 3 -10.88 -3.82 0.15
CA LYS A 3 -10.19 -5.10 0.34
C LYS A 3 -9.57 -5.66 -0.97
N GLU A 4 -10.05 -5.10 -2.09
CA GLU A 4 -9.58 -5.48 -3.42
C GLU A 4 -8.15 -5.00 -3.69
N ALA A 5 -7.91 -3.77 -3.19
CA ALA A 5 -6.56 -3.24 -3.26
C ALA A 5 -5.71 -3.88 -2.17
N ILE A 6 -6.30 -4.51 -1.13
CA ILE A 6 -5.48 -4.97 0.00
C ILE A 6 -4.67 -6.23 -0.35
N GLU A 7 -5.20 -6.98 -1.33
CA GLU A 7 -4.51 -8.16 -1.83
C GLU A 7 -3.55 -7.77 -2.98
N ARG A 8 -3.77 -6.55 -3.52
CA ARG A 8 -2.95 -6.04 -4.62
C ARG A 8 -1.67 -5.40 -4.08
N LEU A 9 -1.92 -4.44 -3.17
CA LEU A 9 -0.93 -3.72 -2.36
C LEU A 9 -0.04 -4.75 -1.62
N LYS A 10 -0.70 -5.72 -0.96
CA LYS A 10 0.07 -6.80 -0.33
C LYS A 10 0.87 -7.65 -1.35
N ALA A 11 0.26 -7.83 -2.56
CA ALA A 11 0.88 -8.69 -3.57
C ALA A 11 2.23 -8.14 -4.08
N LEU A 12 2.43 -6.82 -3.88
CA LEU A 12 3.70 -6.19 -4.24
C LEU A 12 4.83 -6.50 -3.20
N GLY A 13 4.50 -7.36 -2.20
CA GLY A 13 5.48 -7.83 -1.21
C GLY A 13 5.37 -7.07 0.13
N PHE A 14 4.14 -6.56 0.39
CA PHE A 14 3.88 -5.69 1.53
C PHE A 14 3.04 -6.46 2.58
N GLU A 15 2.14 -5.73 3.28
CA GLU A 15 1.34 -6.30 4.36
C GLU A 15 0.11 -5.40 4.54
N GLU A 16 -1.04 -6.07 4.80
CA GLU A 16 -2.37 -5.47 4.89
C GLU A 16 -2.44 -4.25 5.87
N SER A 17 -1.44 -4.15 6.77
CA SER A 17 -1.38 -3.03 7.71
C SER A 17 -0.74 -1.79 7.03
N LEU A 18 0.47 -2.01 6.44
CA LEU A 18 1.13 -0.90 5.74
C LEU A 18 0.33 -0.49 4.51
N VAL A 19 -0.50 -1.43 4.06
CA VAL A 19 -1.38 -1.34 2.91
C VAL A 19 -2.58 -0.44 3.21
N ILE A 20 -3.33 -0.86 4.26
CA ILE A 20 -4.54 -0.14 4.64
C ILE A 20 -4.22 1.31 4.95
N GLN A 21 -3.20 1.48 5.81
CA GLN A 21 -2.77 2.81 6.21
C GLN A 21 -2.12 3.60 5.04
N ALA A 22 -1.57 2.84 4.06
CA ALA A 22 -1.03 3.46 2.83
C ALA A 22 -2.11 3.80 1.81
N TYR A 23 -3.30 3.20 2.02
CA TYR A 23 -4.42 3.38 1.10
C TYR A 23 -5.44 4.34 1.72
N PHE A 24 -5.39 4.47 3.06
CA PHE A 24 -6.32 5.30 3.81
C PHE A 24 -5.72 6.71 3.95
N ALA A 25 -4.40 6.72 4.22
CA ALA A 25 -3.64 7.97 4.34
C ALA A 25 -3.48 8.66 2.97
N CYS A 26 -3.52 7.81 1.92
CA CYS A 26 -3.48 8.30 0.54
C CYS A 26 -4.84 8.76 0.02
N GLU A 27 -5.89 8.73 0.90
CA GLU A 27 -7.25 9.06 0.49
C GLU A 27 -7.74 8.11 -0.63
N LYS A 28 -7.75 6.82 -0.27
CA LYS A 28 -8.25 5.72 -1.11
C LYS A 28 -8.00 5.92 -2.62
N ASN A 29 -6.71 6.16 -2.92
CA ASN A 29 -6.32 6.51 -4.29
C ASN A 29 -5.76 5.24 -4.95
N GLU A 30 -4.75 5.39 -5.84
CA GLU A 30 -4.23 4.24 -6.57
C GLU A 30 -2.72 4.41 -6.80
N ASN A 31 -2.42 5.36 -7.71
CA ASN A 31 -1.04 5.70 -8.01
C ASN A 31 -0.32 6.28 -6.78
N LEU A 32 -1.15 6.82 -5.85
CA LEU A 32 -0.59 7.45 -4.65
C LEU A 32 -0.24 6.36 -3.63
N ALA A 33 -1.20 5.41 -3.51
CA ALA A 33 -1.06 4.29 -2.60
C ALA A 33 0.18 3.46 -2.90
N ALA A 34 0.32 3.11 -4.20
CA ALA A 34 1.53 2.42 -4.64
C ALA A 34 2.77 3.26 -4.28
N ASN A 35 2.73 4.55 -4.64
CA ASN A 35 3.87 5.40 -4.33
C ASN A 35 4.23 5.43 -2.82
N PHE A 36 3.19 5.29 -1.97
CA PHE A 36 3.37 5.27 -0.52
C PHE A 36 4.21 4.03 -0.12
N LEU A 37 3.69 2.86 -0.55
CA LEU A 37 4.21 1.58 -0.08
C LEU A 37 5.63 1.28 -0.65
N LEU A 38 5.85 1.84 -1.87
CA LEU A 38 7.09 1.59 -2.61
C LEU A 38 8.19 2.55 -2.11
N SER A 39 7.71 3.72 -1.60
CA SER A 39 8.58 4.73 -1.03
C SER A 39 9.13 4.30 0.35
N GLN A 40 8.38 3.37 0.99
CA GLN A 40 8.82 2.80 2.26
C GLN A 40 9.97 1.81 2.01
N ASN A 41 11.18 2.32 2.32
CA ASN A 41 12.43 1.56 2.19
C ASN A 41 12.35 0.25 2.99
N PHE A 42 12.80 -0.83 2.31
CA PHE A 42 12.68 -2.19 2.82
C PHE A 42 13.36 -3.15 1.83
N ASP A 43 14.33 -3.92 2.37
CA ASP A 43 15.08 -4.93 1.61
C ASP A 43 14.13 -6.08 1.23
N ASP A 44 14.47 -6.76 0.11
CA ASP A 44 13.60 -7.83 -0.39
C ASP A 44 14.42 -9.08 -0.73
N GLU A 45 15.50 -8.83 -1.50
CA GLU A 45 16.37 -9.91 -1.99
C GLU A 45 16.98 -10.74 -0.84
#